data_2BO6
#
_entry.id   2BO6
#
_cell.length_a   150.228
_cell.length_b   150.228
_cell.length_c   154.285
_cell.angle_alpha   90.00
_cell.angle_beta   90.00
_cell.angle_gamma   120.00
#
_symmetry.space_group_name_H-M   'P 32 2 1'
#
loop_
_entity.id
_entity.type
_entity.pdbx_description
1 polymer 'MANNOSYLGLYCERATE SYNTHASE'
2 non-polymer '(2R)-2,3-DIHYDROXYPROPANOIC ACID'
3 non-polymer 'MANGANESE (II) ION'
4 water water
#
_entity_poly.entity_id   1
_entity_poly.type   'polypeptide(L)'
_entity_poly.pdbx_seq_one_letter_code
;MSLVVFPFKHEHPEVLLHNVRVAAAHPRVHEVLCIGYERDQTYEAVERAAPEISRATGTPVSVRLQERLGTLRPGKGDGM
NTALRYFLEETQWERIHFYDADITSFGPDWITKAEEAADFGYGLVRHYFPRASTDAMITWMITRTGFALLWPHTELSWIE
QPLGGELLMRREVAAMLYEDERVRRRSDWGIDTLYTFVTVQQGVSIYECYIPEGKAHRLYGGLDDLRTMLVECFAAIQSL
QHEVVGQPAIHRQEHPHRVPVHIAERVGYDVEATLHRLMQHWTPRQVELLELFTTPVREGLRTCQRRPAFNFMDEMAWAA
TYHVLLEHFQPGDPDWEELLFKLWTTRVLNYTMTVALRGYDYAQQYLYRMLGRYRYQAALENGRGHPVPPRAALSTA
;
_entity_poly.pdbx_strand_id   A,B
#
# COMPACT_ATOMS: atom_id res chain seq x y z
N SER A 2 -8.40 11.61 -42.37
CA SER A 2 -8.85 11.68 -40.93
C SER A 2 -8.32 12.91 -40.19
N LEU A 3 -9.21 13.63 -39.50
CA LEU A 3 -8.82 14.75 -38.61
C LEU A 3 -8.24 14.25 -37.27
N VAL A 4 -7.17 14.90 -36.79
CA VAL A 4 -6.53 14.50 -35.52
C VAL A 4 -6.43 15.70 -34.58
N VAL A 5 -7.21 15.70 -33.50
CA VAL A 5 -7.35 16.89 -32.63
C VAL A 5 -6.49 16.81 -31.39
N PHE A 6 -5.80 17.91 -31.08
CA PHE A 6 -4.98 18.03 -29.88
C PHE A 6 -5.45 19.24 -29.05
N PRO A 7 -6.29 19.05 -28.04
CA PRO A 7 -6.56 20.11 -27.07
C PRO A 7 -5.37 20.36 -26.14
N PHE A 8 -4.90 21.60 -26.08
CA PHE A 8 -3.76 21.98 -25.24
C PHE A 8 -4.00 23.18 -24.32
N LYS A 9 -3.12 23.33 -23.33
CA LYS A 9 -3.12 24.44 -22.39
C LYS A 9 -1.69 25.03 -22.25
N HIS A 10 -1.09 24.96 -21.05
CA HIS A 10 0.24 25.52 -20.79
C HIS A 10 1.26 24.37 -20.81
N GLU A 11 1.39 23.74 -21.97
CA GLU A 11 2.12 22.48 -22.12
C GLU A 11 3.52 22.82 -22.53
N HIS A 12 4.46 21.88 -22.34
CA HIS A 12 5.75 22.08 -22.93
C HIS A 12 5.41 22.10 -24.44
N PRO A 13 5.79 23.17 -25.12
CA PRO A 13 5.44 23.32 -26.54
C PRO A 13 6.17 22.31 -27.43
N GLU A 14 7.30 21.75 -26.94
CA GLU A 14 8.04 20.72 -27.68
C GLU A 14 7.36 19.34 -27.58
N VAL A 15 6.73 19.06 -26.44
CA VAL A 15 6.04 17.80 -26.23
C VAL A 15 4.81 17.76 -27.12
N LEU A 16 4.15 18.90 -27.26
CA LEU A 16 2.97 19.03 -28.09
C LEU A 16 3.34 18.93 -29.55
N LEU A 17 4.30 19.75 -29.97
CA LEU A 17 4.71 19.81 -31.36
C LEU A 17 5.23 18.46 -31.90
N HIS A 18 5.73 17.61 -31.01
CA HIS A 18 6.17 16.27 -31.35
C HIS A 18 4.98 15.47 -31.83
N ASN A 19 3.93 15.47 -31.00
CA ASN A 19 2.71 14.75 -31.29
C ASN A 19 2.00 15.31 -32.53
N VAL A 20 2.20 16.58 -32.83
CA VAL A 20 1.58 17.22 -34.00
C VAL A 20 2.26 16.75 -35.27
N ARG A 21 3.59 16.60 -35.18
CA ARG A 21 4.42 16.22 -36.32
C ARG A 21 4.24 14.73 -36.62
N VAL A 22 4.11 13.93 -35.56
CA VAL A 22 3.89 12.49 -35.67
C VAL A 22 2.55 12.16 -36.34
N ALA A 23 1.52 12.94 -36.05
CA ALA A 23 0.19 12.74 -36.62
C ALA A 23 0.08 13.25 -38.05
N ALA A 24 0.82 14.30 -38.37
CA ALA A 24 0.80 14.92 -39.70
C ALA A 24 1.57 14.10 -40.75
N ALA A 25 2.54 13.31 -40.27
CA ALA A 25 3.36 12.46 -41.13
C ALA A 25 2.65 11.14 -41.46
N HIS A 26 1.71 10.76 -40.60
CA HIS A 26 0.89 9.55 -40.80
C HIS A 26 0.10 9.60 -42.11
N PRO A 27 0.19 8.54 -42.92
CA PRO A 27 -0.45 8.50 -44.25
C PRO A 27 -1.99 8.44 -44.25
N ARG A 28 -2.60 8.05 -43.13
CA ARG A 28 -4.07 7.97 -43.00
C ARG A 28 -4.70 9.27 -42.48
N VAL A 29 -3.84 10.18 -42.03
CA VAL A 29 -4.22 11.50 -41.53
C VAL A 29 -4.25 12.54 -42.64
N HIS A 30 -5.38 13.23 -42.74
CA HIS A 30 -5.62 14.27 -43.75
C HIS A 30 -5.52 15.71 -43.17
N GLU A 31 -5.82 15.88 -41.88
CA GLU A 31 -5.70 17.19 -41.22
C GLU A 31 -5.42 17.06 -39.71
N VAL A 32 -4.82 18.09 -39.13
CA VAL A 32 -4.55 18.15 -37.69
C VAL A 32 -5.07 19.47 -37.14
N LEU A 33 -5.91 19.40 -36.11
CA LEU A 33 -6.43 20.59 -35.45
C LEU A 33 -5.91 20.72 -34.02
N CYS A 34 -5.50 21.93 -33.64
CA CYS A 34 -5.01 22.18 -32.29
C CYS A 34 -5.88 23.25 -31.68
N ILE A 35 -6.52 22.94 -30.55
CA ILE A 35 -7.46 23.86 -29.90
C ILE A 35 -6.95 24.29 -28.54
N GLY A 36 -6.95 25.59 -28.30
CA GLY A 36 -6.59 26.15 -27.00
C GLY A 36 -7.51 27.29 -26.60
N TYR A 37 -7.53 27.60 -25.30
CA TYR A 37 -8.43 28.61 -24.77
C TYR A 37 -8.04 30.02 -25.13
N GLU A 38 -6.75 30.35 -24.98
CA GLU A 38 -6.25 31.72 -25.11
C GLU A 38 -5.05 31.75 -26.04
N ARG A 39 -4.80 32.93 -26.63
CA ARG A 39 -3.59 33.16 -27.42
C ARG A 39 -2.42 33.55 -26.51
N ASP A 40 -1.92 32.57 -25.76
CA ASP A 40 -0.80 32.79 -24.85
C ASP A 40 0.48 32.34 -25.57
N GLN A 41 1.62 32.32 -24.86
CA GLN A 41 2.90 32.00 -25.51
C GLN A 41 2.86 30.62 -26.17
N THR A 42 2.28 29.64 -25.46
CA THR A 42 2.14 28.27 -25.98
C THR A 42 1.30 28.20 -27.26
N TYR A 43 0.31 29.07 -27.38
CA TYR A 43 -0.56 29.11 -28.56
C TYR A 43 0.18 29.73 -29.77
N GLU A 44 0.95 30.80 -29.56
CA GLU A 44 1.61 31.48 -30.67
C GLU A 44 2.72 30.62 -31.28
N ALA A 45 3.25 29.70 -30.47
CA ALA A 45 4.29 28.78 -30.89
C ALA A 45 3.75 27.78 -31.91
N VAL A 46 2.58 27.21 -31.61
CA VAL A 46 1.92 26.26 -32.51
C VAL A 46 1.52 26.90 -33.85
N GLU A 47 1.05 28.14 -33.78
CA GLU A 47 0.67 28.90 -34.97
C GLU A 47 1.89 29.28 -35.84
N ARG A 48 3.02 29.57 -35.20
CA ARG A 48 4.25 29.98 -35.89
C ARG A 48 4.95 28.78 -36.56
N ALA A 49 4.73 27.60 -35.98
CA ALA A 49 5.28 26.35 -36.49
C ALA A 49 4.35 25.70 -37.53
N ALA A 50 3.10 26.15 -37.59
CA ALA A 50 2.06 25.48 -38.38
C ALA A 50 2.38 25.41 -39.87
N PRO A 51 2.90 26.49 -40.46
CA PRO A 51 3.28 26.46 -41.88
C PRO A 51 4.42 25.47 -42.21
N GLU A 52 5.38 25.32 -41.29
CA GLU A 52 6.57 24.49 -41.52
C GLU A 52 6.23 22.99 -41.55
N ILE A 53 5.40 22.57 -40.60
CA ILE A 53 4.92 21.19 -40.54
C ILE A 53 4.01 20.87 -41.74
N SER A 54 3.27 21.88 -42.23
CA SER A 54 2.37 21.69 -43.37
C SER A 54 3.12 21.45 -44.68
N ARG A 55 4.34 21.93 -44.75
CA ARG A 55 5.15 21.71 -45.94
C ARG A 55 5.77 20.32 -45.89
N ALA A 56 6.36 19.98 -44.74
CA ALA A 56 7.21 18.79 -44.60
C ALA A 56 6.42 17.49 -44.72
N THR A 57 5.16 17.54 -44.28
CA THR A 57 4.31 16.35 -44.23
C THR A 57 3.21 16.34 -45.30
N GLY A 58 2.98 17.48 -45.96
CA GLY A 58 1.92 17.62 -46.94
C GLY A 58 0.51 17.60 -46.33
N THR A 59 0.43 17.88 -45.02
CA THR A 59 -0.82 17.86 -44.28
C THR A 59 -1.10 19.26 -43.69
N PRO A 60 -2.26 19.86 -43.97
CA PRO A 60 -2.57 21.17 -43.37
C PRO A 60 -2.65 21.09 -41.85
N VAL A 61 -2.19 22.14 -41.16
CA VAL A 61 -2.25 22.18 -39.69
C VAL A 61 -2.89 23.48 -39.23
N SER A 62 -4.14 23.40 -38.79
CA SER A 62 -4.87 24.56 -38.27
C SER A 62 -4.78 24.68 -36.75
N VAL A 63 -4.97 25.91 -36.26
CA VAL A 63 -4.97 26.21 -34.85
C VAL A 63 -6.11 27.18 -34.56
N ARG A 64 -7.05 26.74 -33.73
CA ARG A 64 -8.27 27.48 -33.40
C ARG A 64 -8.42 27.75 -31.89
N LEU A 65 -9.18 28.79 -31.57
CA LEU A 65 -9.56 29.12 -30.21
C LEU A 65 -10.76 28.27 -29.76
N GLN A 66 -10.81 27.99 -28.46
CA GLN A 66 -11.94 27.32 -27.83
C GLN A 66 -13.15 28.26 -27.81
N GLU A 67 -14.28 27.82 -28.37
CA GLU A 67 -15.49 28.63 -28.33
C GLU A 67 -16.44 28.19 -27.21
N ARG A 68 -17.20 29.15 -26.71
CA ARG A 68 -18.20 28.92 -25.69
C ARG A 68 -19.51 28.36 -26.30
N LEU A 69 -19.62 27.04 -26.31
CA LEU A 69 -20.77 26.31 -26.82
C LEU A 69 -21.68 25.74 -25.75
N GLY A 70 -21.19 25.59 -24.53
CA GLY A 70 -21.97 25.07 -23.42
C GLY A 70 -22.21 26.12 -22.37
N THR A 71 -22.79 25.69 -21.25
CA THR A 71 -23.32 26.61 -20.23
C THR A 71 -22.81 26.30 -18.84
N LEU A 72 -21.86 25.39 -18.73
CA LEU A 72 -21.22 25.09 -17.45
C LEU A 72 -19.90 25.85 -17.36
N ARG A 73 -19.00 25.47 -16.47
CA ARG A 73 -17.64 26.04 -16.52
C ARG A 73 -17.03 25.85 -17.93
N PRO A 74 -16.43 26.91 -18.48
CA PRO A 74 -15.72 26.81 -19.76
C PRO A 74 -14.44 26.03 -19.60
N GLY A 75 -14.46 24.78 -20.06
CA GLY A 75 -13.44 23.81 -19.81
C GLY A 75 -13.24 22.86 -20.98
N LYS A 76 -12.91 21.60 -20.66
CA LYS A 76 -12.56 20.60 -21.65
C LYS A 76 -13.66 20.35 -22.67
N GLY A 77 -14.88 20.27 -22.19
CA GLY A 77 -16.02 20.14 -23.08
C GLY A 77 -16.14 21.18 -24.20
N ASP A 78 -16.00 22.47 -23.88
CA ASP A 78 -16.02 23.49 -24.92
C ASP A 78 -14.96 23.22 -26.00
N GLY A 79 -13.76 22.85 -25.56
CA GLY A 79 -12.69 22.53 -26.49
C GLY A 79 -12.96 21.33 -27.39
N MET A 80 -13.54 20.28 -26.86
CA MET A 80 -13.81 19.05 -27.63
C MET A 80 -14.99 19.21 -28.57
N ASN A 81 -16.00 19.94 -28.12
CA ASN A 81 -17.17 20.25 -28.92
C ASN A 81 -16.85 21.27 -29.98
N THR A 82 -15.82 22.08 -29.75
CA THR A 82 -15.40 23.05 -30.76
C THR A 82 -14.75 22.31 -31.91
N ALA A 83 -14.07 21.20 -31.61
CA ALA A 83 -13.41 20.38 -32.64
C ALA A 83 -14.43 19.61 -33.42
N LEU A 84 -15.48 19.17 -32.74
CA LEU A 84 -16.59 18.50 -33.40
C LEU A 84 -17.23 19.46 -34.37
N ARG A 85 -17.39 20.70 -33.95
CA ARG A 85 -17.99 21.71 -34.80
C ARG A 85 -17.17 21.89 -36.06
N TYR A 86 -15.89 22.15 -35.88
CA TYR A 86 -14.95 22.36 -36.97
C TYR A 86 -14.99 21.16 -37.94
N PHE A 87 -14.99 19.96 -37.36
CA PHE A 87 -14.91 18.70 -38.09
C PHE A 87 -16.14 18.50 -38.96
N LEU A 88 -17.31 18.95 -38.48
CA LEU A 88 -18.58 18.76 -39.18
C LEU A 88 -18.93 19.89 -40.13
N GLU A 89 -18.51 21.13 -39.82
CA GLU A 89 -18.93 22.31 -40.58
C GLU A 89 -17.86 22.84 -41.53
N GLU A 90 -16.61 22.63 -41.20
CA GLU A 90 -15.48 23.15 -42.00
C GLU A 90 -14.69 22.07 -42.77
N THR A 91 -14.85 20.78 -42.44
CA THR A 91 -14.24 19.68 -43.21
C THR A 91 -15.27 18.64 -43.66
N GLN A 92 -14.78 17.58 -44.30
CA GLN A 92 -15.62 16.49 -44.82
C GLN A 92 -14.95 15.09 -44.69
N TRP A 93 -14.17 14.90 -43.63
CA TRP A 93 -13.45 13.65 -43.37
C TRP A 93 -14.35 12.61 -42.69
N GLU A 94 -14.09 11.34 -42.93
CA GLU A 94 -14.91 10.28 -42.38
C GLU A 94 -14.68 10.09 -40.89
N ARG A 95 -13.50 10.46 -40.42
CA ARG A 95 -13.11 10.18 -39.05
C ARG A 95 -12.50 11.38 -38.35
N ILE A 96 -12.55 11.35 -37.01
CA ILE A 96 -11.88 12.35 -36.14
C ILE A 96 -11.20 11.65 -34.97
N HIS A 97 -9.99 12.11 -34.62
CA HIS A 97 -9.29 11.60 -33.43
C HIS A 97 -9.28 12.64 -32.32
N PHE A 98 -8.99 12.18 -31.11
CA PHE A 98 -8.84 13.07 -29.97
C PHE A 98 -7.70 12.52 -29.15
N TYR A 99 -6.72 13.37 -28.84
CA TYR A 99 -5.57 12.98 -28.02
C TYR A 99 -5.18 14.11 -27.09
N ASP A 100 -5.02 13.81 -25.80
CA ASP A 100 -4.46 14.81 -24.89
C ASP A 100 -3.05 15.17 -25.41
N ALA A 101 -2.67 16.43 -25.23
CA ALA A 101 -1.37 16.94 -25.72
C ALA A 101 -0.11 16.48 -24.91
N ASP A 102 -0.19 16.48 -23.58
CA ASP A 102 0.95 16.16 -22.70
C ASP A 102 1.45 14.73 -22.76
N ILE A 103 0.65 13.81 -23.28
CA ILE A 103 1.07 12.41 -23.40
C ILE A 103 2.46 12.32 -24.05
N THR A 104 3.45 11.90 -23.26
CA THR A 104 4.81 11.80 -23.76
C THR A 104 5.11 10.41 -24.32
N SER A 105 4.07 9.56 -24.43
CA SER A 105 4.19 8.19 -24.93
C SER A 105 3.66 7.99 -26.38
N PHE A 106 3.10 9.05 -26.94
CA PHE A 106 2.46 9.01 -28.25
C PHE A 106 3.45 8.68 -29.33
N GLY A 107 3.15 7.58 -30.02
CA GLY A 107 3.79 7.23 -31.28
C GLY A 107 2.75 7.06 -32.38
N PRO A 108 3.20 6.69 -33.57
CA PRO A 108 2.29 6.60 -34.72
C PRO A 108 1.33 5.43 -34.57
N ASP A 109 1.73 4.46 -33.72
CA ASP A 109 0.94 3.25 -33.44
C ASP A 109 -0.41 3.55 -32.79
N TRP A 110 -0.53 4.70 -32.15
CA TRP A 110 -1.80 5.12 -31.55
C TRP A 110 -2.83 5.34 -32.64
N ILE A 111 -2.42 6.03 -33.70
CA ILE A 111 -3.31 6.34 -34.81
C ILE A 111 -3.53 5.17 -35.72
N THR A 112 -2.59 4.24 -35.71
CA THR A 112 -2.64 3.09 -36.63
C THR A 112 -3.67 2.08 -36.12
N LYS A 113 -3.61 1.79 -34.83
CA LYS A 113 -4.48 0.80 -34.22
C LYS A 113 -5.91 1.26 -34.17
N ALA A 114 -6.09 2.56 -34.11
CA ALA A 114 -7.41 3.16 -34.02
C ALA A 114 -8.07 3.10 -35.37
N GLU A 115 -7.31 3.30 -36.43
CA GLU A 115 -7.90 3.32 -37.77
C GLU A 115 -8.14 1.88 -38.30
N GLU A 116 -7.30 0.95 -37.86
CA GLU A 116 -7.49 -0.47 -38.18
C GLU A 116 -8.72 -0.98 -37.46
N ALA A 117 -8.95 -0.53 -36.23
CA ALA A 117 -10.12 -0.95 -35.49
C ALA A 117 -11.37 -0.41 -36.14
N ALA A 118 -11.34 0.83 -36.63
CA ALA A 118 -12.53 1.41 -37.26
C ALA A 118 -12.84 0.80 -38.63
N ASP A 119 -11.92 0.03 -39.21
CA ASP A 119 -12.17 -0.66 -40.48
C ASP A 119 -13.19 -1.80 -40.34
N PHE A 120 -12.97 -2.72 -39.37
CA PHE A 120 -14.01 -3.60 -38.84
C PHE A 120 -15.42 -2.92 -38.86
N GLY A 121 -15.49 -1.62 -38.63
CA GLY A 121 -16.72 -0.87 -38.78
C GLY A 121 -17.25 -0.19 -37.52
N TYR A 122 -16.44 -0.17 -36.47
CA TYR A 122 -16.86 0.43 -35.20
C TYR A 122 -17.07 1.91 -35.37
N GLY A 123 -18.04 2.46 -34.65
CA GLY A 123 -18.35 3.88 -34.67
C GLY A 123 -17.59 4.71 -33.62
N LEU A 124 -17.17 4.05 -32.56
CA LEU A 124 -16.30 4.61 -31.54
C LEU A 124 -15.14 3.63 -31.27
N VAL A 125 -13.94 4.17 -31.09
CA VAL A 125 -12.79 3.40 -30.64
C VAL A 125 -12.18 4.17 -29.50
N ARG A 126 -12.13 3.58 -28.31
CA ARG A 126 -11.56 4.23 -27.15
C ARG A 126 -10.27 3.59 -26.81
N HIS A 127 -9.26 4.38 -26.47
CA HIS A 127 -8.00 3.82 -26.00
C HIS A 127 -8.03 3.64 -24.50
N TYR A 128 -7.59 2.49 -24.00
CA TYR A 128 -7.40 2.32 -22.56
C TYR A 128 -6.00 1.89 -22.24
N PHE A 129 -5.58 2.14 -21.00
CA PHE A 129 -4.18 2.05 -20.55
C PHE A 129 -4.07 1.31 -19.26
N PRO A 130 -2.88 0.87 -18.92
CA PRO A 130 -2.59 0.45 -17.55
C PRO A 130 -2.62 1.69 -16.63
N ARG A 131 -3.20 1.57 -15.44
CA ARG A 131 -3.06 2.63 -14.42
C ARG A 131 -2.77 2.06 -13.04
N ALA A 132 -2.30 2.93 -12.15
CA ALA A 132 -1.83 2.45 -10.86
C ALA A 132 -3.07 2.25 -9.98
N SER A 133 -2.92 1.39 -8.97
CA SER A 133 -3.99 1.08 -8.04
C SER A 133 -4.61 2.32 -7.48
N THR A 134 -3.77 3.33 -7.30
CA THR A 134 -4.23 4.55 -6.63
C THR A 134 -4.42 5.74 -7.57
N ASP A 135 -4.30 5.53 -8.88
CA ASP A 135 -4.76 6.49 -9.93
C ASP A 135 -6.15 6.04 -10.27
N ALA A 136 -6.84 6.86 -11.07
CA ALA A 136 -8.15 6.53 -11.61
C ALA A 136 -9.20 6.38 -10.53
N MET A 137 -9.12 7.17 -9.46
CA MET A 137 -10.06 7.05 -8.35
C MET A 137 -11.39 7.74 -8.66
N ILE A 138 -11.37 8.69 -9.58
CA ILE A 138 -12.62 9.24 -10.06
C ILE A 138 -13.26 8.24 -11.00
N THR A 139 -12.55 7.87 -12.04
CA THR A 139 -12.98 6.78 -12.91
C THR A 139 -13.68 5.70 -12.09
N TRP A 140 -13.05 5.16 -11.03
CA TRP A 140 -13.54 3.93 -10.40
C TRP A 140 -14.64 4.23 -9.41
N MET A 141 -14.42 5.12 -8.48
CA MET A 141 -15.38 5.32 -7.40
C MET A 141 -16.52 6.30 -7.74
N ILE A 142 -16.44 6.94 -8.88
CA ILE A 142 -17.49 7.85 -9.30
C ILE A 142 -18.19 7.55 -10.63
N THR A 143 -17.42 7.45 -11.70
CA THR A 143 -17.98 7.19 -13.01
C THR A 143 -18.48 5.74 -13.17
N ARG A 144 -17.59 4.77 -13.03
CA ARG A 144 -17.94 3.38 -13.20
C ARG A 144 -18.89 2.91 -12.12
N THR A 145 -18.63 3.31 -10.88
CA THR A 145 -19.47 2.95 -9.75
C THR A 145 -20.90 3.40 -9.96
N GLY A 146 -21.06 4.65 -10.47
CA GLY A 146 -22.34 5.23 -10.76
C GLY A 146 -23.04 4.54 -11.93
N PHE A 147 -22.29 4.18 -12.94
CA PHE A 147 -22.86 3.45 -14.05
C PHE A 147 -23.41 2.12 -13.56
N ALA A 148 -22.66 1.47 -12.66
CA ALA A 148 -23.02 0.16 -12.12
C ALA A 148 -24.26 0.20 -11.22
N LEU A 149 -24.37 1.25 -10.41
CA LEU A 149 -25.51 1.42 -9.51
C LEU A 149 -26.77 1.80 -10.23
N LEU A 150 -26.65 2.57 -11.29
CA LEU A 150 -27.82 3.16 -11.95
C LEU A 150 -28.29 2.36 -13.16
N TRP A 151 -27.33 1.81 -13.90
CA TRP A 151 -27.63 1.01 -15.08
C TRP A 151 -26.89 -0.33 -15.11
N PRO A 152 -27.20 -1.21 -14.17
CA PRO A 152 -26.45 -2.47 -14.02
C PRO A 152 -26.57 -3.45 -15.19
N HIS A 153 -27.73 -3.54 -15.83
CA HIS A 153 -27.99 -4.44 -16.96
C HIS A 153 -27.39 -3.97 -18.31
N THR A 154 -26.64 -2.88 -18.31
CA THR A 154 -26.15 -2.26 -19.53
C THR A 154 -24.63 -2.34 -19.68
N GLU A 155 -24.12 -1.80 -20.78
CA GLU A 155 -22.70 -1.83 -21.10
C GLU A 155 -21.88 -0.71 -20.39
N LEU A 156 -22.54 0.21 -19.72
CA LEU A 156 -21.90 1.46 -19.30
C LEU A 156 -20.77 1.24 -18.32
N SER A 157 -21.00 0.38 -17.34
CA SER A 157 -19.99 0.13 -16.30
C SER A 157 -18.88 -0.82 -16.76
N TRP A 158 -19.02 -1.35 -17.96
CA TRP A 158 -18.03 -2.25 -18.54
C TRP A 158 -17.02 -1.51 -19.37
N ILE A 159 -17.30 -0.25 -19.70
CA ILE A 159 -16.30 0.53 -20.43
C ILE A 159 -15.10 0.85 -19.50
N GLU A 160 -13.89 0.70 -20.04
CA GLU A 160 -12.68 0.69 -19.20
C GLU A 160 -12.30 2.07 -18.70
N GLN A 161 -12.18 2.98 -19.65
CA GLN A 161 -11.64 4.31 -19.39
C GLN A 161 -12.73 5.33 -19.81
N PRO A 162 -13.87 5.36 -19.13
CA PRO A 162 -14.99 6.23 -19.52
C PRO A 162 -14.70 7.76 -19.49
N LEU A 163 -13.71 8.19 -18.70
CA LEU A 163 -13.26 9.59 -18.71
C LEU A 163 -12.09 9.83 -19.67
N GLY A 164 -11.74 8.82 -20.44
CA GLY A 164 -10.59 8.93 -21.29
C GLY A 164 -10.89 9.77 -22.48
N GLY A 165 -9.98 10.66 -22.82
CA GLY A 165 -10.11 11.55 -23.96
C GLY A 165 -9.39 11.05 -25.21
N GLU A 166 -8.77 9.88 -25.14
CA GLU A 166 -8.16 9.34 -26.35
C GLU A 166 -9.15 8.43 -27.04
N LEU A 167 -9.62 8.84 -28.21
CA LEU A 167 -10.60 8.06 -28.95
C LEU A 167 -10.78 8.51 -30.38
N LEU A 168 -11.48 7.67 -31.14
CA LEU A 168 -11.83 7.90 -32.54
C LEU A 168 -13.34 7.77 -32.73
N MET A 169 -13.97 8.73 -33.38
CA MET A 169 -15.36 8.57 -33.82
C MET A 169 -15.47 8.70 -35.33
N ARG A 170 -16.48 8.03 -35.89
CA ARG A 170 -16.81 8.21 -37.31
C ARG A 170 -17.70 9.43 -37.38
N ARG A 171 -17.86 9.97 -38.58
CA ARG A 171 -18.57 11.21 -38.82
C ARG A 171 -20.00 11.18 -38.26
N GLU A 172 -20.66 10.04 -38.41
CA GLU A 172 -22.07 9.93 -38.00
C GLU A 172 -22.19 9.92 -36.48
N VAL A 173 -21.21 9.36 -35.79
CA VAL A 173 -21.21 9.33 -34.34
C VAL A 173 -20.94 10.72 -33.77
N ALA A 174 -19.98 11.41 -34.38
CA ALA A 174 -19.59 12.75 -33.95
C ALA A 174 -20.70 13.76 -34.19
N ALA A 175 -21.51 13.52 -35.21
CA ALA A 175 -22.61 14.41 -35.58
C ALA A 175 -23.72 14.29 -34.57
N MET A 176 -24.00 13.05 -34.20
CA MET A 176 -25.05 12.75 -33.25
C MET A 176 -24.75 13.39 -31.91
N LEU A 177 -23.48 13.42 -31.54
CA LEU A 177 -23.09 13.94 -30.25
C LEU A 177 -23.11 15.45 -30.24
N TYR A 178 -22.66 16.04 -31.33
CA TYR A 178 -22.73 17.48 -31.47
C TYR A 178 -24.18 18.01 -31.44
N GLU A 179 -25.13 17.28 -32.01
CA GLU A 179 -26.51 17.75 -32.12
C GLU A 179 -27.24 17.56 -30.80
N ASP A 180 -26.69 16.69 -29.97
CA ASP A 180 -27.29 16.36 -28.69
C ASP A 180 -27.10 17.49 -27.67
N GLU A 181 -28.21 17.96 -27.09
CA GLU A 181 -28.21 19.13 -26.23
C GLU A 181 -27.53 18.89 -24.90
N ARG A 182 -27.54 17.64 -24.41
CA ARG A 182 -26.87 17.29 -23.17
C ARG A 182 -25.35 17.32 -23.30
N VAL A 183 -24.78 16.95 -24.46
CA VAL A 183 -23.33 16.96 -24.62
C VAL A 183 -22.81 18.34 -24.99
N ARG A 184 -23.57 19.06 -25.78
CA ARG A 184 -23.28 20.46 -26.09
C ARG A 184 -23.16 21.33 -24.84
N ARG A 185 -24.03 21.10 -23.87
CA ARG A 185 -24.09 21.95 -22.69
C ARG A 185 -22.90 21.67 -21.75
N ARG A 186 -22.35 20.44 -21.81
CA ARG A 186 -21.33 19.97 -20.90
C ARG A 186 -19.93 20.49 -21.25
N SER A 187 -19.71 21.77 -20.97
CA SER A 187 -18.51 22.47 -21.36
C SER A 187 -17.29 22.18 -20.49
N ASP A 188 -17.53 21.50 -19.37
CA ASP A 188 -16.53 21.29 -18.33
C ASP A 188 -15.89 19.90 -18.40
N TRP A 189 -15.27 19.45 -17.30
CA TRP A 189 -14.70 18.12 -17.18
C TRP A 189 -15.67 16.99 -17.49
N GLY A 190 -16.96 17.25 -17.34
CA GLY A 190 -18.00 16.25 -17.51
C GLY A 190 -18.20 15.74 -18.92
N ILE A 191 -17.50 16.32 -19.89
CA ILE A 191 -17.78 15.97 -21.25
C ILE A 191 -17.51 14.51 -21.62
N ASP A 192 -16.43 13.92 -21.08
CA ASP A 192 -16.03 12.57 -21.45
C ASP A 192 -17.09 11.60 -20.95
N THR A 193 -17.64 11.88 -19.79
CA THR A 193 -18.76 11.11 -19.25
C THR A 193 -19.97 11.16 -20.20
N LEU A 194 -20.26 12.33 -20.75
CA LEU A 194 -21.35 12.51 -21.68
C LEU A 194 -21.15 11.77 -23.02
N TYR A 195 -19.95 11.83 -23.59
CA TYR A 195 -19.65 11.12 -24.81
C TYR A 195 -19.80 9.62 -24.60
N THR A 196 -19.35 9.15 -23.44
CA THR A 196 -19.43 7.74 -23.13
C THR A 196 -20.88 7.28 -22.99
N PHE A 197 -21.65 8.03 -22.21
CA PHE A 197 -23.00 7.65 -21.87
C PHE A 197 -23.90 7.63 -23.10
N VAL A 198 -23.89 8.70 -23.88
CA VAL A 198 -24.86 8.83 -24.95
C VAL A 198 -24.52 7.91 -26.13
N THR A 199 -23.24 7.68 -26.42
CA THR A 199 -22.90 6.68 -27.42
C THR A 199 -23.47 5.31 -27.05
N VAL A 200 -23.39 4.95 -25.77
CA VAL A 200 -23.96 3.70 -25.30
C VAL A 200 -25.50 3.69 -25.36
N GLN A 201 -26.09 4.85 -25.15
CA GLN A 201 -27.55 4.95 -25.16
C GLN A 201 -28.11 4.85 -26.56
N GLN A 202 -27.34 5.34 -27.53
CA GLN A 202 -27.75 5.40 -28.92
C GLN A 202 -27.28 4.17 -29.73
N GLY A 203 -26.79 3.16 -29.04
CA GLY A 203 -26.41 1.90 -29.68
C GLY A 203 -25.23 1.97 -30.65
N VAL A 204 -24.31 2.87 -30.37
CA VAL A 204 -23.06 2.95 -31.11
C VAL A 204 -22.19 1.74 -30.78
N SER A 205 -21.59 1.18 -31.81
CA SER A 205 -20.75 0.02 -31.62
C SER A 205 -19.37 0.53 -31.19
N ILE A 206 -18.80 -0.09 -30.15
CA ILE A 206 -17.56 0.39 -29.50
C ILE A 206 -16.45 -0.66 -29.42
N TYR A 207 -15.24 -0.30 -29.87
CA TYR A 207 -14.05 -1.13 -29.67
C TYR A 207 -13.14 -0.38 -28.69
N GLU A 208 -12.45 -1.14 -27.84
CA GLU A 208 -11.48 -0.52 -26.92
C GLU A 208 -10.04 -0.96 -27.25
N CYS A 209 -9.32 -0.09 -27.94
CA CYS A 209 -7.89 -0.26 -28.21
C CYS A 209 -7.12 -0.28 -26.89
N TYR A 210 -5.90 -0.79 -26.93
CA TYR A 210 -5.06 -0.74 -25.75
C TYR A 210 -3.66 -0.36 -26.18
N ILE A 211 -3.14 0.65 -25.50
CA ILE A 211 -1.76 1.06 -25.69
C ILE A 211 -0.85 0.47 -24.59
N PRO A 212 0.13 -0.33 -24.99
CA PRO A 212 0.91 -1.14 -24.04
C PRO A 212 1.66 -0.34 -22.97
N GLU A 213 2.25 0.80 -23.36
CA GLU A 213 2.84 1.74 -22.42
C GLU A 213 1.90 2.90 -22.21
N GLY A 214 1.49 3.14 -20.97
CA GLY A 214 0.37 4.01 -20.70
C GLY A 214 0.55 5.49 -21.06
N LYS A 215 -0.08 6.37 -20.28
CA LYS A 215 0.05 7.81 -20.45
C LYS A 215 1.32 8.31 -19.73
N ALA A 216 1.44 9.65 -19.65
CA ALA A 216 2.43 10.28 -18.78
C ALA A 216 1.69 10.73 -17.51
N HIS A 217 2.22 10.29 -16.37
CA HIS A 217 1.55 10.35 -15.07
C HIS A 217 1.61 11.76 -14.57
N ARG A 218 0.51 12.24 -14.00
CA ARG A 218 0.37 13.64 -13.56
C ARG A 218 1.24 13.91 -12.36
N LEU A 219 1.11 15.10 -11.79
CA LEU A 219 1.94 15.50 -10.63
C LEU A 219 1.56 14.73 -9.33
N TYR A 220 2.58 14.32 -8.57
CA TYR A 220 2.37 13.73 -7.25
C TYR A 220 1.95 14.74 -6.15
N GLY A 221 0.64 14.86 -5.91
CA GLY A 221 0.16 15.76 -4.85
C GLY A 221 -1.14 15.30 -4.20
N GLY A 222 -1.58 16.00 -3.18
CA GLY A 222 -2.79 15.61 -2.49
C GLY A 222 -4.01 15.60 -3.43
N LEU A 223 -4.89 14.57 -3.27
CA LEU A 223 -6.20 14.56 -3.91
C LEU A 223 -6.80 15.95 -4.22
N ASP A 224 -6.35 16.97 -3.46
CA ASP A 224 -6.70 18.42 -3.66
C ASP A 224 -6.82 18.84 -5.15
N ASP A 225 -5.91 18.31 -5.98
CA ASP A 225 -5.75 18.76 -7.38
C ASP A 225 -6.92 18.27 -8.28
N LEU A 226 -7.39 17.04 -8.00
CA LEU A 226 -8.59 16.53 -8.64
C LEU A 226 -9.98 17.11 -8.19
N ARG A 227 -10.01 18.15 -7.37
CA ARG A 227 -11.28 18.56 -6.74
C ARG A 227 -12.38 19.04 -7.72
N THR A 228 -12.02 19.97 -8.62
CA THR A 228 -12.90 20.39 -9.67
C THR A 228 -13.31 19.21 -10.58
N MET A 229 -12.36 18.41 -11.03
CA MET A 229 -12.70 17.24 -11.86
C MET A 229 -13.72 16.33 -11.16
N LEU A 230 -13.55 16.18 -9.86
CA LEU A 230 -14.38 15.31 -9.06
C LEU A 230 -15.82 15.80 -9.04
N VAL A 231 -16.06 17.07 -8.67
CA VAL A 231 -17.43 17.55 -8.56
C VAL A 231 -18.08 17.48 -9.95
N GLU A 232 -17.32 17.78 -10.99
CA GLU A 232 -17.86 17.91 -12.32
C GLU A 232 -18.17 16.59 -12.94
N CYS A 233 -17.41 15.58 -12.57
CA CYS A 233 -17.66 14.26 -13.06
C CYS A 233 -18.86 13.68 -12.31
N PHE A 234 -18.96 13.91 -11.02
CA PHE A 234 -20.13 13.43 -10.29
C PHE A 234 -21.38 14.13 -10.80
N ALA A 235 -21.30 15.44 -11.09
CA ALA A 235 -22.46 16.18 -11.58
C ALA A 235 -22.98 15.62 -12.90
N ALA A 236 -22.07 15.28 -13.79
CA ALA A 236 -22.43 14.68 -15.07
C ALA A 236 -23.34 13.48 -14.89
N ILE A 237 -22.94 12.60 -14.01
CA ILE A 237 -23.71 11.40 -13.69
C ILE A 237 -25.00 11.73 -12.99
N GLN A 238 -24.93 12.56 -11.97
CA GLN A 238 -26.15 13.03 -11.31
C GLN A 238 -27.13 13.55 -12.33
N SER A 239 -26.65 14.27 -13.35
CA SER A 239 -27.52 14.89 -14.38
C SER A 239 -28.18 13.89 -15.29
N LEU A 240 -27.62 12.71 -15.42
CA LEU A 240 -28.14 11.65 -16.25
C LEU A 240 -28.92 10.59 -15.46
N GLN A 241 -29.05 10.78 -14.14
CA GLN A 241 -29.55 9.73 -13.27
C GLN A 241 -30.92 9.12 -13.59
N HIS A 242 -31.83 9.91 -14.15
CA HIS A 242 -33.16 9.45 -14.49
C HIS A 242 -33.32 9.02 -15.97
N GLU A 243 -32.24 9.05 -16.74
CA GLU A 243 -32.26 8.48 -18.08
C GLU A 243 -32.52 6.96 -18.13
N VAL A 244 -33.11 6.52 -19.24
CA VAL A 244 -33.32 5.13 -19.55
C VAL A 244 -32.30 4.75 -20.61
N VAL A 245 -31.76 3.53 -20.47
CA VAL A 245 -30.74 2.99 -21.38
C VAL A 245 -31.03 1.52 -21.72
N GLY A 246 -31.01 1.16 -23.00
CA GLY A 246 -31.26 -0.21 -23.44
C GLY A 246 -30.21 -1.26 -23.03
N GLN A 247 -30.57 -2.51 -23.14
CA GLN A 247 -29.66 -3.63 -22.87
C GLN A 247 -28.60 -3.80 -24.04
N PRO A 248 -29.01 -3.60 -25.33
CA PRO A 248 -28.13 -3.90 -26.48
C PRO A 248 -27.29 -2.67 -26.93
N ALA A 249 -26.01 -2.95 -27.25
CA ALA A 249 -25.02 -2.02 -27.83
C ALA A 249 -23.71 -2.83 -27.91
N ILE A 250 -23.30 -3.25 -29.13
CA ILE A 250 -22.10 -4.06 -29.40
C ILE A 250 -20.79 -3.49 -28.88
N HIS A 251 -20.03 -4.29 -28.11
CA HIS A 251 -18.85 -3.79 -27.38
C HIS A 251 -17.72 -4.85 -27.31
N ARG A 252 -16.54 -4.49 -27.78
CA ARG A 252 -15.38 -5.39 -27.77
C ARG A 252 -14.13 -4.62 -27.31
N GLN A 253 -13.03 -5.34 -27.05
CA GLN A 253 -11.79 -4.71 -26.53
C GLN A 253 -10.55 -5.57 -26.65
N GLU A 254 -9.55 -5.07 -27.40
CA GLU A 254 -8.25 -5.70 -27.52
C GLU A 254 -7.88 -6.20 -26.13
N HIS A 255 -7.23 -7.38 -26.07
CA HIS A 255 -6.79 -7.96 -24.80
C HIS A 255 -5.68 -7.10 -24.20
N PRO A 256 -5.75 -6.85 -22.87
CA PRO A 256 -4.69 -6.05 -22.19
C PRO A 256 -3.40 -6.83 -22.00
N HIS A 257 -2.24 -6.22 -22.28
CA HIS A 257 -0.92 -6.86 -21.99
C HIS A 257 -0.52 -6.56 -20.53
N ARG A 258 0.43 -7.33 -20.00
CA ARG A 258 0.85 -7.18 -18.62
C ARG A 258 1.26 -5.74 -18.37
N VAL A 259 0.82 -5.21 -17.22
CA VAL A 259 1.21 -3.88 -16.80
C VAL A 259 2.75 -3.79 -16.67
N PRO A 260 3.36 -2.69 -17.11
CA PRO A 260 4.79 -2.49 -16.92
C PRO A 260 5.09 -2.20 -15.43
N VAL A 261 6.31 -2.59 -15.02
CA VAL A 261 6.75 -2.50 -13.64
C VAL A 261 6.53 -1.10 -13.09
N HIS A 262 7.10 -0.06 -13.74
CA HIS A 262 6.94 1.34 -13.27
C HIS A 262 5.52 1.78 -12.93
N ILE A 263 4.51 1.17 -13.57
CA ILE A 263 3.11 1.54 -13.32
C ILE A 263 2.50 0.84 -12.11
N ALA A 264 2.76 -0.46 -11.96
CA ALA A 264 2.31 -1.23 -10.81
C ALA A 264 2.99 -0.78 -9.49
N GLU A 265 4.23 -0.32 -9.60
CA GLU A 265 4.92 0.27 -8.46
C GLU A 265 4.83 1.79 -8.43
N ARG A 266 3.62 2.30 -8.35
CA ARG A 266 3.43 3.74 -8.33
C ARG A 266 2.32 4.17 -7.37
N VAL A 267 2.59 5.19 -6.58
CA VAL A 267 1.58 5.74 -5.69
C VAL A 267 0.96 6.96 -6.36
N GLY A 268 -0.37 7.01 -6.36
CA GLY A 268 -1.11 7.99 -7.13
C GLY A 268 -1.27 9.37 -6.49
N TYR A 269 -1.01 9.45 -5.18
CA TYR A 269 -1.33 10.67 -4.43
C TYR A 269 -0.53 10.78 -3.14
N ASP A 270 -0.47 11.98 -2.57
CA ASP A 270 0.29 12.28 -1.33
C ASP A 270 -0.56 11.97 -0.10
N VAL A 271 -0.23 10.90 0.59
CA VAL A 271 -1.09 10.33 1.61
C VAL A 271 -1.12 11.27 2.83
N GLU A 272 0.04 11.76 3.26
CA GLU A 272 0.11 12.75 4.32
C GLU A 272 -0.82 13.94 4.01
N ALA A 273 -0.65 14.55 2.85
CA ALA A 273 -1.33 15.81 2.52
C ALA A 273 -2.82 15.60 2.35
N THR A 274 -3.18 14.41 1.90
CA THR A 274 -4.57 14.04 1.70
C THR A 274 -5.29 13.88 3.03
N LEU A 275 -4.57 13.36 4.03
CA LEU A 275 -5.06 13.26 5.42
C LEU A 275 -5.24 14.63 6.07
N HIS A 276 -4.26 15.52 5.90
CA HIS A 276 -4.29 16.87 6.39
C HIS A 276 -5.51 17.60 5.79
N ARG A 277 -5.72 17.42 4.51
CA ARG A 277 -6.75 18.14 3.77
C ARG A 277 -8.16 17.79 4.28
N LEU A 278 -8.32 16.56 4.74
CA LEU A 278 -9.56 16.07 5.34
C LEU A 278 -9.98 16.87 6.61
N MET A 279 -9.04 17.50 7.30
CA MET A 279 -9.36 18.29 8.49
C MET A 279 -9.46 19.75 8.17
N GLN A 280 -9.38 20.13 6.91
CA GLN A 280 -9.41 21.53 6.52
C GLN A 280 -10.74 21.91 5.85
N HIS A 281 -10.93 23.21 5.66
CA HIS A 281 -12.10 23.81 4.98
C HIS A 281 -13.47 23.31 5.50
N TRP A 282 -13.54 23.11 6.82
CA TRP A 282 -14.80 22.79 7.48
C TRP A 282 -15.65 24.05 7.69
N THR A 283 -16.97 23.88 7.60
CA THR A 283 -17.94 24.89 7.98
C THR A 283 -19.06 24.25 8.80
N PRO A 284 -19.72 25.01 9.66
CA PRO A 284 -20.89 24.48 10.38
C PRO A 284 -21.93 23.84 9.45
N ARG A 285 -22.16 24.46 8.29
CA ARG A 285 -23.18 23.98 7.39
C ARG A 285 -22.90 22.60 6.92
N GLN A 286 -21.63 22.31 6.61
CA GLN A 286 -21.23 20.98 6.23
C GLN A 286 -21.50 19.97 7.34
N VAL A 287 -21.31 20.38 8.60
CA VAL A 287 -21.56 19.50 9.73
C VAL A 287 -23.03 19.06 9.77
N GLU A 288 -23.94 20.01 9.49
CA GLU A 288 -25.38 19.77 9.52
C GLU A 288 -25.84 18.97 8.30
N LEU A 289 -25.17 19.14 7.17
CA LEU A 289 -25.55 18.48 5.94
C LEU A 289 -25.35 16.99 6.07
N LEU A 290 -24.38 16.59 6.89
CA LEU A 290 -24.04 15.21 7.06
C LEU A 290 -25.21 14.44 7.70
N GLU A 291 -26.20 15.17 8.20
CA GLU A 291 -27.40 14.56 8.77
C GLU A 291 -28.22 13.75 7.79
N LEU A 292 -28.03 14.05 6.51
CA LEU A 292 -28.71 13.35 5.42
C LEU A 292 -28.15 11.96 5.15
N PHE A 293 -27.03 11.63 5.79
CA PHE A 293 -26.29 10.42 5.47
C PHE A 293 -26.52 9.39 6.54
N THR A 294 -26.18 8.14 6.25
CA THR A 294 -26.34 7.08 7.25
C THR A 294 -25.45 7.39 8.43
N THR A 295 -25.80 6.85 9.58
CA THR A 295 -25.15 7.24 10.82
C THR A 295 -23.62 7.02 10.79
N PRO A 296 -23.15 5.85 10.34
CA PRO A 296 -21.70 5.59 10.30
C PRO A 296 -20.93 6.59 9.44
N VAL A 297 -21.50 7.01 8.34
CA VAL A 297 -20.86 8.03 7.50
C VAL A 297 -20.93 9.43 8.16
N ARG A 298 -21.98 9.71 8.90
CA ARG A 298 -22.12 11.02 9.54
C ARG A 298 -21.12 11.13 10.69
N GLU A 299 -21.03 10.07 11.48
CA GLU A 299 -20.13 10.06 12.62
C GLU A 299 -18.69 9.98 12.13
N GLY A 300 -18.48 9.17 11.10
CA GLY A 300 -17.17 8.99 10.48
C GLY A 300 -16.55 10.29 9.96
N LEU A 301 -17.29 11.04 9.15
CA LEU A 301 -16.78 12.30 8.58
C LEU A 301 -16.63 13.41 9.60
N ARG A 302 -17.55 13.48 10.56
CA ARG A 302 -17.46 14.53 11.61
C ARG A 302 -16.21 14.36 12.46
N THR A 303 -15.75 13.10 12.64
CA THR A 303 -14.47 12.84 13.28
C THR A 303 -13.34 13.66 12.63
N CYS A 304 -13.40 13.79 11.32
CA CYS A 304 -12.35 14.44 10.55
C CYS A 304 -12.12 15.89 10.92
N GLN A 305 -13.04 16.52 11.65
CA GLN A 305 -12.73 17.80 12.20
C GLN A 305 -11.56 17.70 13.19
N ARG A 306 -11.43 16.58 13.87
CA ARG A 306 -10.42 16.44 14.92
C ARG A 306 -9.23 15.58 14.49
N ARG A 307 -9.50 14.59 13.68
CA ARG A 307 -8.46 13.71 13.16
C ARG A 307 -8.92 12.84 11.97
N PRO A 308 -7.99 12.38 11.13
CA PRO A 308 -8.39 11.68 9.91
C PRO A 308 -9.03 10.34 10.22
N ALA A 309 -10.21 10.14 9.67
CA ALA A 309 -10.93 8.88 9.76
C ALA A 309 -11.33 8.45 8.37
N PHE A 310 -11.29 7.13 8.13
CA PHE A 310 -11.65 6.54 6.84
C PHE A 310 -11.98 5.04 6.86
N ASN A 311 -11.86 4.37 7.99
CA ASN A 311 -12.18 2.93 8.03
C ASN A 311 -13.68 2.67 7.80
N PHE A 312 -14.49 3.65 8.20
CA PHE A 312 -15.94 3.56 8.21
C PHE A 312 -16.55 3.55 6.81
N MET A 313 -15.79 4.09 5.87
CA MET A 313 -16.17 4.26 4.50
C MET A 313 -15.75 3.07 3.61
N ASP A 314 -16.23 1.86 3.99
CA ASP A 314 -16.10 0.64 3.21
C ASP A 314 -16.94 0.64 1.90
N GLU A 315 -17.05 -0.50 1.22
CA GLU A 315 -17.68 -0.57 -0.08
C GLU A 315 -19.17 -0.36 -0.01
N MET A 316 -19.80 -0.95 1.00
CA MET A 316 -21.23 -0.73 1.23
C MET A 316 -21.57 0.70 1.65
N ALA A 317 -20.80 1.26 2.55
CA ALA A 317 -21.10 2.60 3.08
C ALA A 317 -20.94 3.65 1.99
N TRP A 318 -20.02 3.40 1.06
CA TRP A 318 -19.83 4.28 -0.08
C TRP A 318 -21.01 4.21 -1.06
N ALA A 319 -21.59 3.01 -1.23
CA ALA A 319 -22.76 2.87 -2.08
C ALA A 319 -23.93 3.66 -1.52
N ALA A 320 -24.08 3.64 -0.21
CA ALA A 320 -25.18 4.29 0.48
C ALA A 320 -24.96 5.80 0.44
N THR A 321 -23.70 6.21 0.52
CA THR A 321 -23.28 7.57 0.45
C THR A 321 -23.55 8.16 -0.93
N TYR A 322 -23.26 7.35 -1.95
CA TYR A 322 -23.44 7.73 -3.34
C TYR A 322 -24.92 8.01 -3.65
N HIS A 323 -25.81 7.17 -3.09
CA HIS A 323 -27.24 7.31 -3.33
C HIS A 323 -27.76 8.60 -2.73
N VAL A 324 -27.32 8.90 -1.51
CA VAL A 324 -27.66 10.15 -0.82
C VAL A 324 -27.16 11.38 -1.58
N LEU A 325 -25.95 11.30 -2.10
CA LEU A 325 -25.37 12.38 -2.89
C LEU A 325 -26.18 12.60 -4.15
N LEU A 326 -26.71 11.55 -4.75
CA LEU A 326 -27.42 11.66 -6.02
C LEU A 326 -28.70 12.44 -5.89
N GLU A 327 -29.30 12.37 -4.72
CA GLU A 327 -30.55 13.02 -4.44
C GLU A 327 -30.35 14.44 -3.94
N HIS A 328 -29.25 14.73 -3.22
CA HIS A 328 -29.11 15.99 -2.46
C HIS A 328 -27.94 16.91 -2.90
N PHE A 329 -26.87 16.36 -3.49
CA PHE A 329 -25.72 17.14 -3.96
C PHE A 329 -26.13 18.21 -4.94
N GLN A 330 -25.66 19.44 -4.75
CA GLN A 330 -25.95 20.58 -5.63
C GLN A 330 -24.61 21.04 -6.22
N PRO A 331 -24.36 20.81 -7.50
CA PRO A 331 -23.17 21.42 -8.12
C PRO A 331 -23.26 22.96 -7.93
N GLY A 332 -22.24 23.58 -7.32
CA GLY A 332 -22.08 24.99 -7.19
C GLY A 332 -22.33 25.53 -5.78
N ASP A 333 -22.94 24.69 -4.95
CA ASP A 333 -23.18 24.92 -3.53
C ASP A 333 -21.78 24.59 -2.93
N PRO A 334 -21.07 25.60 -2.44
CA PRO A 334 -19.69 25.38 -1.95
C PRO A 334 -19.52 24.29 -0.89
N ASP A 335 -20.50 24.16 -0.01
CA ASP A 335 -20.44 23.18 1.06
C ASP A 335 -20.71 21.77 0.54
N TRP A 336 -21.57 21.65 -0.47
CA TRP A 336 -21.82 20.35 -1.07
C TRP A 336 -20.60 19.79 -1.80
N GLU A 337 -19.91 20.68 -2.51
CA GLU A 337 -18.73 20.33 -3.26
C GLU A 337 -17.64 19.88 -2.29
N GLU A 338 -17.47 20.60 -1.17
CA GLU A 338 -16.46 20.23 -0.17
C GLU A 338 -16.76 18.87 0.47
N LEU A 339 -18.04 18.58 0.66
CA LEU A 339 -18.43 17.38 1.37
C LEU A 339 -18.25 16.17 0.47
N LEU A 340 -18.52 16.35 -0.82
CA LEU A 340 -18.23 15.34 -1.80
C LEU A 340 -16.74 15.11 -1.82
N PHE A 341 -15.97 16.19 -1.77
CA PHE A 341 -14.53 16.05 -1.88
C PHE A 341 -13.97 15.20 -0.72
N LYS A 342 -14.48 15.47 0.48
CA LYS A 342 -14.05 14.83 1.70
C LYS A 342 -14.61 13.44 1.78
N LEU A 343 -15.84 13.26 1.33
CA LEU A 343 -16.46 11.93 1.35
C LEU A 343 -15.70 10.97 0.43
N TRP A 344 -15.37 11.43 -0.76
CA TRP A 344 -14.62 10.64 -1.76
C TRP A 344 -13.19 10.45 -1.30
N THR A 345 -12.66 11.40 -0.57
CA THR A 345 -11.31 11.24 -0.06
C THR A 345 -11.23 10.07 0.93
N THR A 346 -12.26 9.90 1.76
CA THR A 346 -12.29 8.83 2.74
C THR A 346 -12.48 7.51 2.08
N ARG A 347 -13.20 7.50 0.97
CA ARG A 347 -13.26 6.26 0.18
C ARG A 347 -11.92 5.87 -0.39
N VAL A 348 -11.21 6.82 -0.97
CA VAL A 348 -9.92 6.60 -1.58
C VAL A 348 -8.90 6.09 -0.53
N LEU A 349 -8.94 6.68 0.66
CA LEU A 349 -8.04 6.32 1.72
C LEU A 349 -8.34 4.93 2.25
N ASN A 350 -9.63 4.60 2.37
CA ASN A 350 -10.11 3.30 2.83
C ASN A 350 -9.67 2.22 1.86
N TYR A 351 -9.94 2.48 0.59
CA TYR A 351 -9.58 1.64 -0.54
C TYR A 351 -8.07 1.41 -0.54
N THR A 352 -7.31 2.48 -0.27
CA THR A 352 -5.85 2.43 -0.33
C THR A 352 -5.26 1.50 0.74
N MET A 353 -5.80 1.56 1.95
CA MET A 353 -5.25 0.89 3.11
C MET A 353 -5.73 -0.56 3.25
N THR A 354 -6.86 -0.86 2.61
CA THR A 354 -7.49 -2.19 2.68
C THR A 354 -7.42 -3.00 1.40
N VAL A 355 -7.05 -2.34 0.30
CA VAL A 355 -7.04 -2.95 -1.01
C VAL A 355 -5.72 -2.65 -1.73
N ALA A 356 -5.37 -1.38 -1.91
CA ALA A 356 -4.24 -1.05 -2.78
C ALA A 356 -2.93 -1.52 -2.18
N LEU A 357 -2.87 -1.42 -0.84
CA LEU A 357 -1.70 -1.83 -0.09
C LEU A 357 -1.46 -3.34 -0.06
N ARG A 358 -2.42 -4.12 -0.57
CA ARG A 358 -2.27 -5.57 -0.69
C ARG A 358 -1.49 -6.10 -1.95
N GLY A 359 -1.02 -5.19 -2.83
CA GLY A 359 -0.38 -5.56 -4.10
C GLY A 359 -1.31 -5.39 -5.35
N TYR A 360 -0.62 -4.89 -6.44
CA TYR A 360 -1.35 -4.39 -7.60
C TYR A 360 -2.30 -5.40 -8.20
N ASP A 361 -1.88 -6.67 -8.26
CA ASP A 361 -2.77 -7.72 -8.71
C ASP A 361 -4.06 -7.82 -7.85
N TYR A 362 -3.97 -7.63 -6.54
CA TYR A 362 -5.18 -7.60 -5.69
C TYR A 362 -6.07 -6.44 -6.01
N ALA A 363 -5.46 -5.33 -6.37
CA ALA A 363 -6.14 -4.07 -6.57
C ALA A 363 -7.04 -4.18 -7.80
N GLN A 364 -6.46 -4.53 -8.95
CA GLN A 364 -7.22 -4.89 -10.13
C GLN A 364 -8.40 -5.86 -9.88
N GLN A 365 -8.14 -7.04 -9.28
CA GLN A 365 -9.22 -8.01 -9.01
C GLN A 365 -10.28 -7.47 -8.03
N TYR A 366 -9.86 -6.78 -6.98
CA TYR A 366 -10.83 -6.07 -6.12
C TYR A 366 -11.77 -5.24 -7.00
N LEU A 367 -11.19 -4.47 -7.92
CA LEU A 367 -11.90 -3.40 -8.59
C LEU A 367 -12.90 -3.92 -9.64
N TYR A 368 -12.53 -4.96 -10.40
CA TYR A 368 -13.46 -5.61 -11.34
C TYR A 368 -14.60 -6.31 -10.59
N ARG A 369 -14.30 -6.83 -9.41
CA ARG A 369 -15.32 -7.52 -8.60
C ARG A 369 -16.23 -6.55 -7.86
N MET A 370 -15.75 -5.33 -7.62
CA MET A 370 -16.53 -4.33 -6.88
C MET A 370 -17.69 -3.90 -7.75
N LEU A 371 -17.39 -3.67 -9.03
CA LEU A 371 -18.39 -3.33 -10.00
C LEU A 371 -19.40 -4.45 -10.12
N GLY A 372 -18.92 -5.69 -10.08
CA GLY A 372 -19.81 -6.84 -10.07
C GLY A 372 -20.84 -6.77 -8.95
N ARG A 373 -20.41 -6.42 -7.73
CA ARG A 373 -21.29 -6.48 -6.58
C ARG A 373 -22.29 -5.33 -6.62
N TYR A 374 -21.85 -4.16 -7.07
CA TYR A 374 -22.75 -3.00 -7.19
C TYR A 374 -23.82 -3.32 -8.26
N ARG A 375 -23.39 -3.76 -9.43
CA ARG A 375 -24.30 -4.25 -10.45
C ARG A 375 -25.41 -5.17 -9.90
N TYR A 376 -25.00 -6.16 -9.12
CA TYR A 376 -25.94 -7.14 -8.57
C TYR A 376 -26.94 -6.53 -7.55
N GLN A 377 -26.42 -5.76 -6.59
CA GLN A 377 -27.28 -5.07 -5.64
C GLN A 377 -28.34 -4.24 -6.40
N ALA A 378 -27.89 -3.50 -7.40
CA ALA A 378 -28.78 -2.58 -8.11
C ALA A 378 -29.86 -3.32 -8.89
N ALA A 379 -29.49 -4.46 -9.47
CA ALA A 379 -30.46 -5.25 -10.22
C ALA A 379 -31.53 -5.87 -9.31
N LEU A 380 -31.13 -6.34 -8.13
CA LEU A 380 -32.03 -6.89 -7.12
C LEU A 380 -32.59 -5.82 -6.19
N GLU A 381 -32.91 -4.65 -6.72
CA GLU A 381 -33.74 -3.70 -6.01
C GLU A 381 -34.43 -2.81 -7.01
N ASN A 382 -34.84 -3.29 -8.09
N SER B 2 16.67 -35.23 22.35
CA SER B 2 16.80 -33.76 22.11
C SER B 2 15.55 -33.04 22.61
N LEU B 3 15.71 -32.21 23.65
CA LEU B 3 14.63 -31.45 24.28
C LEU B 3 13.93 -30.47 23.31
N VAL B 4 12.64 -30.22 23.55
CA VAL B 4 11.88 -29.30 22.71
C VAL B 4 10.99 -28.47 23.60
N VAL B 5 11.33 -27.20 23.72
CA VAL B 5 10.71 -26.29 24.66
C VAL B 5 9.66 -25.46 23.96
N PHE B 6 8.59 -25.17 24.70
CA PHE B 6 7.45 -24.41 24.21
C PHE B 6 7.09 -23.38 25.29
N PRO B 7 7.56 -22.15 25.14
CA PRO B 7 7.10 -21.05 25.99
C PRO B 7 5.68 -20.63 25.63
N PHE B 8 4.79 -20.64 26.63
CA PHE B 8 3.41 -20.14 26.45
C PHE B 8 2.97 -19.18 27.55
N LYS B 9 1.77 -18.66 27.42
CA LYS B 9 1.27 -17.64 28.34
C LYS B 9 -0.24 -17.76 28.34
N HIS B 10 -0.89 -17.10 27.38
CA HIS B 10 -2.35 -16.94 27.33
C HIS B 10 -2.93 -17.50 26.02
N GLU B 11 -2.19 -18.40 25.38
CA GLU B 11 -2.58 -18.90 24.05
C GLU B 11 -3.70 -19.90 24.22
N HIS B 12 -4.50 -20.10 23.17
CA HIS B 12 -5.55 -21.13 23.20
C HIS B 12 -4.82 -22.49 23.34
N PRO B 13 -5.15 -23.28 24.36
CA PRO B 13 -4.39 -24.50 24.68
C PRO B 13 -4.52 -25.62 23.64
N GLU B 14 -5.51 -25.50 22.75
CA GLU B 14 -5.79 -26.50 21.72
C GLU B 14 -4.59 -26.51 20.75
N VAL B 15 -4.31 -25.34 20.18
CA VAL B 15 -3.23 -25.19 19.20
C VAL B 15 -1.91 -25.64 19.81
N LEU B 16 -1.64 -25.20 21.04
CA LEU B 16 -0.42 -25.59 21.74
C LEU B 16 -0.31 -27.10 21.86
N LEU B 17 -1.36 -27.71 22.37
CA LEU B 17 -1.32 -29.15 22.62
C LEU B 17 -1.22 -29.97 21.33
N HIS B 18 -1.65 -29.38 20.21
CA HIS B 18 -1.48 -29.98 18.89
C HIS B 18 0.00 -30.01 18.51
N ASN B 19 0.68 -28.89 18.75
CA ASN B 19 2.12 -28.78 18.50
C ASN B 19 2.92 -29.68 19.42
N VAL B 20 2.47 -29.85 20.66
CA VAL B 20 3.19 -30.69 21.61
C VAL B 20 3.07 -32.16 21.24
N ARG B 21 1.98 -32.54 20.59
CA ARG B 21 1.76 -33.92 20.15
C ARG B 21 2.65 -34.20 18.95
N VAL B 22 2.73 -33.22 18.05
CA VAL B 22 3.56 -33.31 16.87
C VAL B 22 5.00 -33.56 17.32
N ALA B 23 5.42 -32.85 18.36
CA ALA B 23 6.81 -32.89 18.84
C ALA B 23 7.16 -34.21 19.49
N ALA B 24 6.28 -34.69 20.37
CA ALA B 24 6.53 -35.92 21.12
C ALA B 24 6.55 -37.18 20.22
N ALA B 25 5.89 -37.07 19.07
CA ALA B 25 5.81 -38.17 18.10
C ALA B 25 7.12 -38.36 17.33
N HIS B 26 7.79 -37.25 17.04
CA HIS B 26 9.06 -37.25 16.31
C HIS B 26 10.07 -38.20 16.96
N PRO B 27 10.70 -39.07 16.16
CA PRO B 27 11.65 -40.08 16.67
C PRO B 27 12.99 -39.52 17.15
N ARG B 28 13.27 -38.25 16.79
CA ARG B 28 14.49 -37.54 17.19
C ARG B 28 14.29 -36.62 18.42
N VAL B 29 13.05 -36.50 18.90
CA VAL B 29 12.75 -35.75 20.13
C VAL B 29 12.67 -36.65 21.36
N HIS B 30 13.61 -36.46 22.30
CA HIS B 30 13.74 -37.30 23.51
C HIS B 30 13.09 -36.68 24.81
N GLU B 31 12.54 -35.46 24.73
CA GLU B 31 11.78 -34.84 25.85
C GLU B 31 11.05 -33.54 25.43
N VAL B 32 9.95 -33.18 26.10
CA VAL B 32 9.24 -31.92 25.81
C VAL B 32 8.93 -31.12 27.09
N LEU B 33 9.43 -29.89 27.13
CA LEU B 33 9.21 -28.98 28.26
C LEU B 33 8.33 -27.78 27.89
N CYS B 34 7.40 -27.44 28.80
CA CYS B 34 6.37 -26.42 28.56
C CYS B 34 6.45 -25.41 29.68
N ILE B 35 6.97 -24.23 29.38
CA ILE B 35 7.19 -23.21 30.38
C ILE B 35 6.14 -22.13 30.28
N GLY B 36 5.22 -22.14 31.24
CA GLY B 36 4.15 -21.16 31.28
C GLY B 36 4.57 -19.90 32.00
N TYR B 37 3.86 -18.83 31.69
CA TYR B 37 4.01 -17.55 32.37
C TYR B 37 3.41 -17.61 33.78
N GLU B 38 2.15 -18.02 33.90
CA GLU B 38 1.50 -18.08 35.21
C GLU B 38 0.59 -19.26 35.35
N ARG B 39 -0.03 -19.39 36.52
CA ARG B 39 -0.93 -20.50 36.86
C ARG B 39 -2.38 -20.19 36.49
N ASP B 40 -2.59 -19.81 35.23
CA ASP B 40 -3.92 -19.42 34.76
C ASP B 40 -4.68 -20.67 34.30
N GLN B 41 -5.74 -20.48 33.50
CA GLN B 41 -6.54 -21.62 33.07
C GLN B 41 -5.80 -22.34 31.95
N THR B 42 -5.07 -21.57 31.12
CA THR B 42 -4.28 -22.16 30.04
C THR B 42 -3.26 -23.17 30.60
N TYR B 43 -2.50 -22.75 31.60
CA TYR B 43 -1.50 -23.61 32.25
C TYR B 43 -2.15 -24.83 32.92
N GLU B 44 -3.29 -24.61 33.59
CA GLU B 44 -3.99 -25.66 34.32
C GLU B 44 -4.42 -26.76 33.33
N ALA B 45 -4.73 -26.34 32.11
CA ALA B 45 -5.20 -27.22 31.04
C ALA B 45 -4.07 -28.10 30.53
N VAL B 46 -2.88 -27.52 30.38
CA VAL B 46 -1.72 -28.25 29.91
C VAL B 46 -1.22 -29.22 30.99
N GLU B 47 -1.37 -28.87 32.26
CA GLU B 47 -0.94 -29.75 33.35
C GLU B 47 -1.78 -31.04 33.44
N ARG B 48 -3.06 -30.96 33.09
CA ARG B 48 -3.94 -32.13 33.09
C ARG B 48 -3.74 -32.99 31.84
N ALA B 49 -3.35 -32.33 30.75
CA ALA B 49 -3.16 -33.00 29.46
C ALA B 49 -1.81 -33.73 29.35
N ALA B 50 -0.83 -33.24 30.14
CA ALA B 50 0.57 -33.69 30.06
C ALA B 50 0.83 -35.18 30.34
N PRO B 51 0.18 -35.76 31.35
CA PRO B 51 0.33 -37.21 31.62
C PRO B 51 -0.19 -38.11 30.48
N GLU B 52 -1.17 -37.60 29.74
CA GLU B 52 -1.80 -38.30 28.62
C GLU B 52 -0.87 -38.42 27.40
N ILE B 53 -0.33 -37.28 26.95
CA ILE B 53 0.54 -37.23 25.77
C ILE B 53 1.84 -38.01 25.99
N SER B 54 2.36 -38.01 27.22
CA SER B 54 3.57 -38.77 27.54
C SER B 54 3.32 -40.27 27.73
N ARG B 55 2.11 -40.72 27.35
CA ARG B 55 1.73 -42.14 27.44
C ARG B 55 1.49 -42.74 26.05
N ALA B 56 0.68 -42.06 25.24
CA ALA B 56 0.45 -42.46 23.85
C ALA B 56 1.72 -42.46 23.00
N THR B 57 2.57 -41.43 23.19
CA THR B 57 3.78 -41.24 22.37
C THR B 57 5.04 -41.87 22.95
N GLY B 58 5.08 -42.09 24.26
CA GLY B 58 6.24 -42.68 24.92
C GLY B 58 7.21 -41.69 25.55
N THR B 59 7.28 -40.47 25.00
CA THR B 59 8.21 -39.45 25.48
C THR B 59 7.63 -38.66 26.67
N PRO B 60 8.42 -38.41 27.71
CA PRO B 60 7.92 -37.66 28.87
C PRO B 60 7.70 -36.18 28.57
N VAL B 61 6.71 -35.57 29.25
CA VAL B 61 6.35 -34.17 29.02
C VAL B 61 6.03 -33.48 30.34
N SER B 62 6.84 -32.49 30.74
CA SER B 62 6.59 -31.76 31.98
C SER B 62 6.32 -30.26 31.75
N VAL B 63 5.64 -29.68 32.73
CA VAL B 63 5.19 -28.30 32.68
C VAL B 63 5.71 -27.62 33.95
N ARG B 64 6.39 -26.47 33.77
CA ARG B 64 6.86 -25.66 34.89
C ARG B 64 6.54 -24.17 34.72
N LEU B 65 6.42 -23.46 35.84
CA LEU B 65 6.27 -22.01 35.83
C LEU B 65 7.65 -21.40 35.58
N GLN B 66 7.69 -20.30 34.85
CA GLN B 66 8.93 -19.59 34.62
C GLN B 66 9.47 -18.99 35.92
N GLU B 67 10.78 -19.04 36.12
CA GLU B 67 11.38 -18.47 37.32
C GLU B 67 11.80 -17.01 37.07
N ARG B 68 11.97 -16.28 38.17
CA ARG B 68 12.50 -14.93 38.15
C ARG B 68 14.05 -14.99 38.11
N LEU B 69 14.59 -14.92 36.90
CA LEU B 69 16.02 -14.99 36.68
C LEU B 69 16.69 -13.64 36.31
N GLY B 70 15.90 -12.67 35.80
CA GLY B 70 16.42 -11.40 35.33
C GLY B 70 15.99 -10.19 36.15
N THR B 71 16.32 -9.00 35.66
CA THR B 71 16.11 -7.76 36.44
C THR B 71 15.16 -6.75 35.81
N LEU B 72 14.69 -7.06 34.58
CA LEU B 72 13.75 -6.22 33.83
C LEU B 72 12.34 -6.77 34.03
N ARG B 73 11.41 -6.44 33.14
CA ARG B 73 10.05 -6.97 33.18
C ARG B 73 10.08 -8.51 33.10
N PRO B 74 9.29 -9.19 33.93
CA PRO B 74 9.17 -10.65 33.82
C PRO B 74 8.37 -11.06 32.58
N GLY B 75 9.08 -11.55 31.56
CA GLY B 75 8.49 -11.82 30.27
C GLY B 75 9.15 -12.98 29.58
N LYS B 76 9.29 -12.84 28.25
CA LYS B 76 9.78 -13.92 27.39
C LYS B 76 11.12 -14.40 27.85
N GLY B 77 11.94 -13.46 28.28
CA GLY B 77 13.32 -13.75 28.65
C GLY B 77 13.47 -14.66 29.84
N ASP B 78 12.63 -14.49 30.84
CA ASP B 78 12.66 -15.36 32.00
C ASP B 78 12.19 -16.77 31.62
N GLY B 79 11.27 -16.86 30.68
CA GLY B 79 10.72 -18.11 30.22
C GLY B 79 11.74 -18.91 29.47
N MET B 80 12.48 -18.28 28.57
CA MET B 80 13.47 -19.00 27.77
C MET B 80 14.73 -19.34 28.57
N ASN B 81 15.15 -18.44 29.45
CA ASN B 81 16.30 -18.71 30.30
C ASN B 81 16.02 -19.79 31.35
N THR B 82 14.74 -19.96 31.73
CA THR B 82 14.33 -21.03 32.65
C THR B 82 14.46 -22.36 31.94
N ALA B 83 14.07 -22.40 30.67
CA ALA B 83 14.22 -23.61 29.88
C ALA B 83 15.69 -24.02 29.84
N LEU B 84 16.56 -23.03 29.68
CA LEU B 84 18.01 -23.22 29.71
C LEU B 84 18.45 -23.84 31.05
N ARG B 85 17.91 -23.34 32.16
CA ARG B 85 18.28 -23.86 33.48
C ARG B 85 17.87 -25.31 33.64
N TYR B 86 16.69 -25.68 33.14
CA TYR B 86 16.20 -27.05 33.26
C TYR B 86 16.97 -27.98 32.31
N PHE B 87 17.44 -27.43 31.20
CA PHE B 87 18.13 -28.20 30.18
C PHE B 87 19.50 -28.62 30.66
N LEU B 88 20.17 -27.71 31.36
CA LEU B 88 21.55 -27.91 31.74
C LEU B 88 21.64 -28.60 33.10
N GLU B 89 20.82 -28.14 34.05
CA GLU B 89 20.91 -28.60 35.44
C GLU B 89 20.10 -29.85 35.78
N GLU B 90 19.00 -30.06 35.06
CA GLU B 90 18.09 -31.16 35.40
C GLU B 90 17.94 -32.29 34.35
N THR B 91 18.50 -32.10 33.14
CA THR B 91 18.67 -33.21 32.20
C THR B 91 20.08 -33.23 31.62
N GLN B 92 20.32 -34.17 30.71
CA GLN B 92 21.62 -34.37 30.11
C GLN B 92 21.57 -34.44 28.56
N TRP B 93 20.53 -33.86 27.96
CA TRP B 93 20.38 -33.87 26.50
C TRP B 93 21.37 -32.90 25.87
N GLU B 94 21.68 -33.12 24.59
CA GLU B 94 22.72 -32.35 23.88
C GLU B 94 22.13 -31.34 22.89
N ARG B 95 20.81 -31.26 22.80
CA ARG B 95 20.15 -30.35 21.86
C ARG B 95 18.82 -29.88 22.42
N ILE B 96 18.58 -28.57 22.37
CA ILE B 96 17.32 -27.97 22.84
C ILE B 96 16.69 -27.19 21.69
N HIS B 97 15.40 -27.41 21.44
CA HIS B 97 14.68 -26.62 20.46
C HIS B 97 13.88 -25.56 21.18
N PHE B 98 13.31 -24.65 20.40
CA PHE B 98 12.46 -23.59 20.92
C PHE B 98 11.43 -23.27 19.86
N TYR B 99 10.16 -23.34 20.22
CA TYR B 99 9.09 -22.96 19.29
C TYR B 99 8.00 -22.17 19.99
N ASP B 100 7.59 -21.05 19.39
CA ASP B 100 6.36 -20.36 19.79
C ASP B 100 5.18 -21.34 19.93
N ALA B 101 4.36 -21.16 20.96
CA ALA B 101 3.23 -22.04 21.22
C ALA B 101 2.08 -21.87 20.20
N ASP B 102 1.81 -20.63 19.80
CA ASP B 102 0.65 -20.29 18.97
C ASP B 102 0.74 -20.73 17.52
N ILE B 103 1.92 -21.14 17.07
CA ILE B 103 2.17 -21.53 15.67
C ILE B 103 1.20 -22.61 15.20
N THR B 104 0.23 -22.20 14.39
CA THR B 104 -0.77 -23.12 13.82
C THR B 104 -0.23 -23.82 12.58
N SER B 105 0.86 -23.29 12.02
CA SER B 105 1.46 -23.79 10.78
C SER B 105 2.49 -24.91 11.00
N PHE B 106 2.61 -25.35 12.25
CA PHE B 106 3.67 -26.24 12.67
C PHE B 106 3.51 -27.57 12.00
N GLY B 107 4.60 -28.31 11.87
CA GLY B 107 4.55 -29.65 11.31
C GLY B 107 5.80 -30.43 11.66
N PRO B 108 5.91 -31.65 11.17
CA PRO B 108 7.11 -32.46 11.41
C PRO B 108 8.35 -31.94 10.68
N ASP B 109 8.13 -31.16 9.62
CA ASP B 109 9.21 -30.69 8.74
C ASP B 109 10.07 -29.64 9.43
N TRP B 110 9.55 -29.04 10.49
CA TRP B 110 10.31 -28.07 11.25
C TRP B 110 11.40 -28.75 12.05
N ILE B 111 11.02 -29.80 12.79
CA ILE B 111 11.94 -30.39 13.76
C ILE B 111 12.98 -31.18 13.03
N THR B 112 12.58 -31.83 11.93
CA THR B 112 13.50 -32.70 11.21
C THR B 112 14.61 -31.86 10.57
N LYS B 113 14.22 -30.80 9.87
CA LYS B 113 15.17 -29.90 9.22
C LYS B 113 16.22 -29.40 10.22
N ALA B 114 15.74 -28.85 11.35
CA ALA B 114 16.64 -28.35 12.40
C ALA B 114 17.66 -29.39 12.90
N GLU B 115 17.24 -30.63 13.12
CA GLU B 115 18.15 -31.69 13.63
C GLU B 115 19.14 -32.11 12.53
N GLU B 116 18.66 -32.03 11.29
CA GLU B 116 19.36 -32.43 10.08
C GLU B 116 20.49 -31.45 9.76
N ALA B 117 20.22 -30.15 9.92
CA ALA B 117 21.22 -29.10 9.76
C ALA B 117 22.22 -29.18 10.91
N ALA B 118 21.73 -29.41 12.13
CA ALA B 118 22.61 -29.52 13.28
C ALA B 118 23.57 -30.73 13.19
N ASP B 119 23.37 -31.61 12.20
CA ASP B 119 24.31 -32.70 11.93
C ASP B 119 25.62 -32.24 11.26
N PHE B 120 25.50 -31.27 10.34
CA PHE B 120 26.64 -30.55 9.77
C PHE B 120 27.50 -29.85 10.84
N GLY B 121 27.02 -29.76 12.07
CA GLY B 121 27.83 -29.29 13.18
C GLY B 121 27.50 -27.89 13.68
N TYR B 122 26.40 -27.31 13.22
CA TYR B 122 26.08 -25.96 13.64
C TYR B 122 25.71 -25.93 15.11
N GLY B 123 26.14 -24.86 15.79
CA GLY B 123 25.83 -24.64 17.18
C GLY B 123 24.44 -24.08 17.31
N LEU B 124 24.01 -23.36 16.29
CA LEU B 124 22.75 -22.65 16.31
C LEU B 124 22.04 -22.77 14.96
N VAL B 125 20.88 -23.37 14.96
CA VAL B 125 20.00 -23.36 13.78
C VAL B 125 18.85 -22.40 14.06
N ARG B 126 18.51 -21.54 13.10
CA ARG B 126 17.51 -20.49 13.27
C ARG B 126 16.50 -20.61 12.19
N HIS B 127 15.24 -20.75 12.57
CA HIS B 127 14.16 -20.74 11.59
C HIS B 127 13.86 -19.32 11.12
N TYR B 128 13.43 -19.17 9.87
CA TYR B 128 12.98 -17.88 9.37
C TYR B 128 11.91 -18.03 8.27
N PHE B 129 10.87 -17.20 8.30
CA PHE B 129 9.72 -17.40 7.40
C PHE B 129 9.40 -16.14 6.58
N PRO B 130 8.57 -16.29 5.56
CA PRO B 130 8.12 -15.12 4.78
C PRO B 130 7.27 -14.16 5.63
N ARG B 131 7.57 -12.87 5.62
CA ARG B 131 6.77 -11.91 6.41
C ARG B 131 6.15 -10.79 5.55
N ALA B 132 4.97 -10.33 5.94
CA ALA B 132 4.30 -9.25 5.21
C ALA B 132 5.10 -7.93 5.24
N SER B 133 4.89 -7.10 4.22
CA SER B 133 5.72 -5.91 4.02
C SER B 133 5.56 -4.89 5.09
N THR B 134 4.42 -4.92 5.76
CA THR B 134 4.19 -4.02 6.90
C THR B 134 4.18 -4.71 8.26
N ASP B 135 4.56 -6.00 8.32
CA ASP B 135 4.91 -6.66 9.61
C ASP B 135 6.39 -6.53 9.79
N ALA B 136 6.88 -7.05 10.92
CA ALA B 136 8.31 -7.18 11.14
C ALA B 136 9.01 -5.85 11.19
N MET B 137 8.30 -4.82 11.66
CA MET B 137 8.82 -3.45 11.58
C MET B 137 9.81 -3.18 12.72
N ILE B 138 9.71 -3.94 13.81
CA ILE B 138 10.74 -3.91 14.83
C ILE B 138 11.98 -4.55 14.31
N THR B 139 11.85 -5.80 13.86
CA THR B 139 12.97 -6.46 13.19
C THR B 139 13.74 -5.52 12.26
N TRP B 140 13.04 -4.84 11.35
CA TRP B 140 13.71 -4.11 10.25
C TRP B 140 14.23 -2.73 10.65
N MET B 141 13.38 -1.92 11.27
CA MET B 141 13.74 -0.55 11.58
C MET B 141 14.49 -0.38 12.91
N ILE B 142 14.52 -1.42 13.73
CA ILE B 142 15.19 -1.36 15.03
C ILE B 142 16.35 -2.35 15.17
N THR B 143 16.08 -3.65 15.11
CA THR B 143 17.10 -4.66 15.31
C THR B 143 18.14 -4.72 14.18
N ARG B 144 17.69 -4.96 12.96
CA ARG B 144 18.58 -5.08 11.80
C ARG B 144 19.25 -3.76 11.45
N THR B 145 18.50 -2.66 11.52
CA THR B 145 19.05 -1.34 11.24
C THR B 145 20.18 -1.06 12.28
N GLY B 146 19.89 -1.33 13.55
CA GLY B 146 20.86 -1.10 14.60
C GLY B 146 22.14 -1.95 14.41
N PHE B 147 21.96 -3.22 14.09
CA PHE B 147 23.09 -4.07 13.84
C PHE B 147 23.90 -3.53 12.66
N ALA B 148 23.23 -3.04 11.63
CA ALA B 148 23.86 -2.46 10.43
C ALA B 148 24.70 -1.19 10.70
N LEU B 149 24.14 -0.28 11.51
CA LEU B 149 24.76 1.00 11.90
C LEU B 149 25.87 0.86 12.95
N LEU B 150 25.78 -0.13 13.83
CA LEU B 150 26.76 -0.36 14.89
C LEU B 150 27.85 -1.40 14.54
N TRP B 151 27.51 -2.42 13.75
CA TRP B 151 28.44 -3.50 13.42
C TRP B 151 28.33 -3.93 11.95
N PRO B 152 28.65 -3.00 11.04
CA PRO B 152 28.42 -3.20 9.61
C PRO B 152 29.26 -4.30 9.01
N HIS B 153 30.49 -4.50 9.52
CA HIS B 153 31.39 -5.50 8.94
C HIS B 153 31.05 -6.90 9.47
N THR B 154 30.17 -7.01 10.45
CA THR B 154 29.88 -8.31 11.07
C THR B 154 28.68 -8.97 10.45
N GLU B 155 28.42 -10.19 10.91
CA GLU B 155 27.34 -11.03 10.43
C GLU B 155 25.98 -10.63 11.04
N LEU B 156 26.01 -9.76 12.05
CA LEU B 156 24.80 -9.44 12.83
C LEU B 156 23.62 -9.02 11.99
N SER B 157 23.83 -8.07 11.08
CA SER B 157 22.72 -7.49 10.33
C SER B 157 22.24 -8.39 9.18
N TRP B 158 23.06 -9.39 8.84
CA TRP B 158 22.69 -10.37 7.85
C TRP B 158 21.80 -11.47 8.38
N ILE B 159 21.63 -11.58 9.68
CA ILE B 159 20.72 -12.56 10.25
C ILE B 159 19.27 -12.14 9.94
N GLU B 160 18.47 -13.09 9.45
CA GLU B 160 17.20 -12.75 8.80
C GLU B 160 16.13 -12.34 9.78
N GLN B 161 16.01 -13.13 10.82
CA GLN B 161 15.02 -12.87 11.85
C GLN B 161 15.62 -12.92 13.25
N PRO B 162 16.40 -11.93 13.59
CA PRO B 162 17.08 -11.88 14.90
C PRO B 162 16.15 -11.85 16.09
N LEU B 163 14.87 -11.53 15.93
CA LEU B 163 13.90 -11.59 17.04
C LEU B 163 13.16 -12.92 17.10
N GLY B 164 13.51 -13.86 16.24
CA GLY B 164 12.81 -15.11 16.15
C GLY B 164 13.05 -16.03 17.33
N GLY B 165 11.97 -16.63 17.83
CA GLY B 165 12.00 -17.58 18.92
C GLY B 165 12.13 -19.02 18.44
N GLU B 166 12.14 -19.22 17.13
CA GLU B 166 12.24 -20.58 16.60
C GLU B 166 13.71 -20.94 16.29
N LEU B 167 14.33 -21.77 17.11
CA LEU B 167 15.71 -22.13 16.91
C LEU B 167 16.12 -23.40 17.65
N LEU B 168 17.30 -23.93 17.29
CA LEU B 168 17.92 -25.05 17.97
C LEU B 168 19.30 -24.63 18.43
N MET B 169 19.73 -25.08 19.60
CA MET B 169 21.06 -24.75 20.06
C MET B 169 21.62 -25.89 20.82
N ARG B 170 22.80 -26.37 20.42
CA ARG B 170 23.42 -27.45 21.13
C ARG B 170 23.94 -27.04 22.50
N ARG B 171 24.26 -28.05 23.30
CA ARG B 171 24.53 -27.88 24.72
C ARG B 171 25.51 -26.74 25.04
N GLU B 172 26.66 -26.73 24.37
CA GLU B 172 27.72 -25.79 24.70
C GLU B 172 27.23 -24.36 24.48
N VAL B 173 26.43 -24.18 23.43
CA VAL B 173 25.85 -22.87 23.08
C VAL B 173 24.83 -22.42 24.10
N ALA B 174 23.97 -23.33 24.55
CA ALA B 174 23.01 -22.99 25.58
C ALA B 174 23.73 -22.62 26.88
N ALA B 175 24.71 -23.43 27.27
CA ALA B 175 25.45 -23.21 28.52
C ALA B 175 26.14 -21.86 28.52
N MET B 176 26.67 -21.49 27.36
CA MET B 176 27.37 -20.21 27.21
C MET B 176 26.42 -19.04 27.39
N LEU B 177 25.25 -19.12 26.77
CA LEU B 177 24.21 -18.08 26.94
C LEU B 177 23.69 -17.97 28.37
N TYR B 178 23.46 -19.08 29.05
CA TYR B 178 22.92 -19.09 30.40
C TYR B 178 23.91 -18.50 31.42
N GLU B 179 25.21 -18.70 31.17
CA GLU B 179 26.24 -18.21 32.06
C GLU B 179 26.49 -16.73 31.83
N ASP B 180 26.06 -16.24 30.67
CA ASP B 180 26.30 -14.87 30.29
C ASP B 180 25.36 -13.91 31.01
N GLU B 181 25.94 -13.06 31.83
CA GLU B 181 25.22 -12.15 32.71
C GLU B 181 24.26 -11.25 31.97
N ARG B 182 24.64 -10.82 30.77
CA ARG B 182 23.80 -9.93 29.99
C ARG B 182 22.51 -10.59 29.50
N VAL B 183 22.58 -11.86 29.11
CA VAL B 183 21.39 -12.54 28.60
C VAL B 183 20.49 -13.02 29.73
N ARG B 184 21.10 -13.26 30.90
CA ARG B 184 20.39 -13.76 32.08
C ARG B 184 19.46 -12.68 32.62
N ARG B 185 19.96 -11.44 32.66
CA ARG B 185 19.16 -10.32 33.15
C ARG B 185 18.11 -9.83 32.14
N ARG B 186 18.21 -10.26 30.88
CA ARG B 186 17.24 -9.85 29.86
C ARG B 186 15.93 -10.68 29.93
N SER B 187 15.13 -10.38 30.93
CA SER B 187 13.93 -11.16 31.24
C SER B 187 12.72 -10.82 30.40
N ASP B 188 12.83 -9.81 29.54
CA ASP B 188 11.71 -9.28 28.76
C ASP B 188 11.78 -9.66 27.25
N TRP B 189 11.21 -8.83 26.36
CA TRP B 189 11.27 -9.05 24.89
C TRP B 189 12.68 -8.97 24.29
N GLY B 190 13.64 -8.44 25.06
CA GLY B 190 14.99 -8.22 24.58
C GLY B 190 15.84 -9.48 24.48
N ILE B 191 15.35 -10.60 24.98
CA ILE B 191 16.13 -11.82 24.97
C ILE B 191 16.54 -12.35 23.61
N ASP B 192 15.66 -12.28 22.62
CA ASP B 192 15.98 -12.81 21.31
C ASP B 192 17.15 -12.03 20.73
N THR B 193 17.19 -10.73 20.99
CA THR B 193 18.25 -9.84 20.54
C THR B 193 19.58 -10.22 21.19
N LEU B 194 19.50 -10.64 22.45
CA LEU B 194 20.67 -11.02 23.21
C LEU B 194 21.20 -12.39 22.78
N TYR B 195 20.32 -13.36 22.56
CA TYR B 195 20.75 -14.68 22.01
C TYR B 195 21.46 -14.51 20.67
N THR B 196 20.91 -13.63 19.83
CA THR B 196 21.43 -13.44 18.51
C THR B 196 22.79 -12.77 18.58
N PHE B 197 22.91 -11.75 19.44
CA PHE B 197 24.10 -10.91 19.47
C PHE B 197 25.26 -11.65 20.06
N VAL B 198 25.03 -12.34 21.16
CA VAL B 198 26.14 -12.96 21.83
C VAL B 198 26.59 -14.26 21.14
N THR B 199 25.70 -14.93 20.39
CA THR B 199 26.11 -16.12 19.63
C THR B 199 27.05 -15.70 18.51
N VAL B 200 26.76 -14.55 17.88
CA VAL B 200 27.62 -14.03 16.83
C VAL B 200 28.97 -13.50 17.39
N GLN B 201 28.92 -12.83 18.54
CA GLN B 201 30.13 -12.28 19.15
C GLN B 201 31.09 -13.37 19.57
N GLN B 202 30.55 -14.51 20.01
CA GLN B 202 31.34 -15.66 20.47
C GLN B 202 31.67 -16.68 19.38
N GLY B 203 31.48 -16.32 18.12
CA GLY B 203 31.87 -17.17 17.02
C GLY B 203 31.05 -18.42 16.79
N VAL B 204 29.87 -18.51 17.36
CA VAL B 204 28.97 -19.63 17.09
C VAL B 204 28.56 -19.67 15.61
N SER B 205 28.65 -20.87 15.04
CA SER B 205 28.29 -21.11 13.66
C SER B 205 26.79 -21.34 13.52
N ILE B 206 26.18 -20.63 12.57
CA ILE B 206 24.73 -20.49 12.50
C ILE B 206 24.17 -20.90 11.14
N TYR B 207 23.28 -21.88 11.14
CA TYR B 207 22.45 -22.15 9.98
C TYR B 207 21.08 -21.46 10.14
N GLU B 208 20.52 -20.96 9.03
CA GLU B 208 19.15 -20.50 9.03
C GLU B 208 18.25 -21.41 8.16
N CYS B 209 17.43 -22.23 8.82
CA CYS B 209 16.30 -22.91 8.18
C CYS B 209 15.25 -21.91 7.67
N TYR B 210 14.83 -22.06 6.42
CA TYR B 210 13.63 -21.39 5.93
C TYR B 210 12.42 -22.28 6.17
N ILE B 211 11.26 -21.65 6.23
CA ILE B 211 10.01 -22.39 6.27
C ILE B 211 9.09 -21.85 5.19
N PRO B 212 8.73 -22.71 4.22
CA PRO B 212 8.12 -22.23 2.99
C PRO B 212 6.96 -21.31 3.37
N GLU B 213 5.92 -21.91 3.97
CA GLU B 213 4.74 -21.23 4.46
C GLU B 213 4.70 -21.47 5.96
N GLY B 214 4.74 -20.43 6.78
CA GLY B 214 4.64 -20.67 8.20
C GLY B 214 4.58 -19.45 9.06
N LYS B 215 3.38 -19.11 9.54
CA LYS B 215 3.26 -18.12 10.63
C LYS B 215 1.80 -17.90 11.03
N ALA B 216 1.60 -17.58 12.31
CA ALA B 216 0.25 -17.26 12.81
C ALA B 216 0.04 -15.74 12.71
N HIS B 217 -0.73 -15.35 11.69
CA HIS B 217 -1.00 -13.93 11.43
C HIS B 217 -1.32 -13.20 12.72
N ARG B 218 -0.36 -12.45 13.25
CA ARG B 218 -0.58 -11.67 14.48
C ARG B 218 -1.76 -10.70 14.34
N LEU B 219 -2.24 -10.21 15.48
CA LEU B 219 -3.58 -9.57 15.53
C LEU B 219 -3.58 -8.23 14.77
N TYR B 220 -4.63 -8.02 13.96
CA TYR B 220 -4.89 -6.70 13.37
C TYR B 220 -5.26 -5.63 14.41
N GLY B 221 -4.25 -4.83 14.82
CA GLY B 221 -4.49 -3.59 15.56
C GLY B 221 -3.55 -2.44 15.19
N GLY B 222 -3.62 -1.33 15.91
CA GLY B 222 -2.66 -0.28 15.72
C GLY B 222 -1.24 -0.71 16.10
N LEU B 223 -0.26 0.09 15.72
CA LEU B 223 1.13 -0.15 16.10
C LEU B 223 1.36 -0.10 17.65
N ASP B 224 0.38 0.47 18.36
CA ASP B 224 0.29 0.51 19.85
C ASP B 224 0.54 -0.85 20.52
N ASP B 225 0.08 -1.92 19.87
CA ASP B 225 0.09 -3.24 20.46
C ASP B 225 1.50 -3.75 20.57
N LEU B 226 2.37 -3.25 19.70
CA LEU B 226 3.76 -3.58 19.66
C LEU B 226 4.65 -2.66 20.51
N ARG B 227 4.05 -1.78 21.30
CA ARG B 227 4.81 -0.71 22.00
C ARG B 227 5.83 -1.21 23.04
N THR B 228 5.39 -2.10 23.92
CA THR B 228 6.27 -2.72 24.91
C THR B 228 7.49 -3.46 24.27
N MET B 229 7.22 -4.20 23.19
CA MET B 229 8.26 -4.98 22.53
C MET B 229 9.25 -4.04 21.94
N LEU B 230 8.75 -2.93 21.40
CA LEU B 230 9.58 -1.93 20.75
C LEU B 230 10.58 -1.31 21.70
N VAL B 231 10.13 -0.89 22.87
CA VAL B 231 10.99 -0.10 23.76
C VAL B 231 12.01 -1.00 24.41
N GLU B 232 11.67 -2.28 24.55
CA GLU B 232 12.56 -3.26 25.12
C GLU B 232 13.57 -3.79 24.12
N CYS B 233 13.14 -3.99 22.89
CA CYS B 233 14.04 -4.43 21.84
C CYS B 233 15.05 -3.34 21.52
N PHE B 234 14.64 -2.08 21.57
CA PHE B 234 15.58 -0.99 21.33
C PHE B 234 16.55 -0.84 22.46
N ALA B 235 16.05 -0.92 23.70
CA ALA B 235 16.90 -0.88 24.88
C ALA B 235 18.00 -1.96 24.85
N ALA B 236 17.65 -3.14 24.36
CA ALA B 236 18.58 -4.23 24.25
C ALA B 236 19.75 -3.88 23.34
N ILE B 237 19.44 -3.30 22.19
CA ILE B 237 20.47 -2.87 21.26
C ILE B 237 21.34 -1.77 21.84
N GLN B 238 20.69 -0.78 22.43
CA GLN B 238 21.37 0.31 23.09
C GLN B 238 22.35 -0.21 24.13
N SER B 239 22.00 -1.27 24.84
CA SER B 239 22.80 -1.73 25.97
C SER B 239 24.05 -2.39 25.48
N LEU B 240 24.01 -2.86 24.23
CA LEU B 240 25.12 -3.53 23.55
C LEU B 240 26.01 -2.62 22.66
N GLN B 241 25.65 -1.35 22.56
CA GLN B 241 26.27 -0.43 21.58
C GLN B 241 27.77 -0.19 21.67
N HIS B 242 28.40 -0.47 22.79
CA HIS B 242 29.86 -0.30 22.95
C HIS B 242 30.62 -1.62 22.88
N GLU B 243 29.91 -2.72 22.68
CA GLU B 243 30.55 -4.01 22.52
C GLU B 243 31.34 -4.08 21.23
N VAL B 244 32.31 -4.99 21.21
CA VAL B 244 33.18 -5.24 20.08
C VAL B 244 32.87 -6.65 19.54
N VAL B 245 32.89 -6.78 18.21
CA VAL B 245 32.57 -8.03 17.56
C VAL B 245 33.56 -8.36 16.46
N GLY B 246 34.31 -9.46 16.63
CA GLY B 246 35.15 -10.02 15.54
C GLY B 246 34.33 -10.23 14.23
N GLN B 247 35.01 -10.14 13.08
CA GLN B 247 34.34 -10.34 11.79
C GLN B 247 34.05 -11.87 11.56
N PRO B 248 35.04 -12.75 11.85
CA PRO B 248 34.86 -14.20 11.57
C PRO B 248 33.71 -14.82 12.39
N ALA B 249 32.90 -15.63 11.69
CA ALA B 249 31.83 -16.46 12.25
C ALA B 249 31.12 -17.13 11.07
N ILE B 250 31.13 -18.46 10.99
CA ILE B 250 30.51 -19.19 9.87
C ILE B 250 29.01 -19.04 9.91
N HIS B 251 28.40 -18.80 8.74
CA HIS B 251 26.99 -18.47 8.66
C HIS B 251 26.49 -18.85 7.28
N ARG B 252 25.48 -19.69 7.23
CA ARG B 252 24.80 -20.07 6.00
C ARG B 252 23.27 -19.99 6.19
N GLN B 253 22.51 -19.90 5.08
CA GLN B 253 21.04 -19.88 5.14
C GLN B 253 20.33 -20.57 3.95
N GLU B 254 19.63 -21.68 4.25
CA GLU B 254 18.62 -22.31 3.36
C GLU B 254 17.99 -21.26 2.46
N HIS B 255 17.97 -21.53 1.17
CA HIS B 255 17.40 -20.61 0.18
C HIS B 255 15.93 -20.39 0.52
N PRO B 256 15.47 -19.16 0.45
CA PRO B 256 14.03 -18.90 0.63
C PRO B 256 13.20 -19.30 -0.60
N HIS B 257 12.24 -20.22 -0.44
CA HIS B 257 11.15 -20.40 -1.43
C HIS B 257 10.25 -19.14 -1.59
N ARG B 258 9.55 -19.07 -2.73
CA ARG B 258 8.67 -17.96 -3.07
C ARG B 258 7.64 -17.65 -1.97
N VAL B 259 7.46 -16.36 -1.66
CA VAL B 259 6.50 -15.96 -0.64
C VAL B 259 5.11 -16.36 -1.12
N PRO B 260 4.33 -17.04 -0.29
CA PRO B 260 2.97 -17.43 -0.72
C PRO B 260 2.13 -16.15 -0.90
N VAL B 261 1.04 -16.24 -1.65
CA VAL B 261 0.30 -15.06 -2.01
C VAL B 261 -0.29 -14.50 -0.76
N HIS B 262 -1.00 -15.35 0.00
CA HIS B 262 -1.75 -14.91 1.17
C HIS B 262 -0.94 -14.19 2.23
N ILE B 263 0.39 -14.26 2.14
CA ILE B 263 1.28 -13.46 3.00
C ILE B 263 1.69 -12.13 2.35
N ALA B 264 1.95 -12.17 1.05
CA ALA B 264 2.22 -10.96 0.27
C ALA B 264 1.01 -10.01 0.23
N GLU B 265 -0.20 -10.57 0.37
CA GLU B 265 -1.46 -9.81 0.42
C GLU B 265 -1.94 -9.53 1.86
N ARG B 266 -1.01 -9.31 2.76
CA ARG B 266 -1.37 -9.12 4.15
C ARG B 266 -1.06 -7.66 4.57
N VAL B 267 -1.90 -7.10 5.44
CA VAL B 267 -1.62 -5.78 6.00
C VAL B 267 -1.30 -5.92 7.48
N GLY B 268 -0.15 -5.35 7.86
CA GLY B 268 0.46 -5.63 9.13
C GLY B 268 -0.12 -4.86 10.30
N TYR B 269 -0.87 -3.79 10.01
CA TYR B 269 -1.39 -2.92 11.06
C TYR B 269 -2.52 -2.03 10.56
N ASP B 270 -3.24 -1.43 11.52
CA ASP B 270 -4.36 -0.53 11.30
C ASP B 270 -3.86 0.89 11.11
N VAL B 271 -3.88 1.39 9.87
CA VAL B 271 -3.31 2.68 9.54
C VAL B 271 -4.02 3.83 10.28
N GLU B 272 -5.36 3.80 10.32
CA GLU B 272 -6.15 4.85 10.96
C GLU B 272 -5.80 4.99 12.45
N ALA B 273 -5.81 3.86 13.15
CA ALA B 273 -5.59 3.87 14.60
C ALA B 273 -4.18 4.34 14.94
N THR B 274 -3.23 4.04 14.06
CA THR B 274 -1.85 4.40 14.22
C THR B 274 -1.61 5.88 14.02
N LEU B 275 -2.35 6.48 13.11
CA LEU B 275 -2.30 7.91 12.87
C LEU B 275 -2.89 8.66 14.04
N HIS B 276 -4.03 8.20 14.54
CA HIS B 276 -4.73 8.82 15.68
C HIS B 276 -3.80 8.78 16.91
N ARG B 277 -3.10 7.66 17.08
CA ARG B 277 -2.32 7.40 18.26
C ARG B 277 -1.06 8.28 18.28
N LEU B 278 -0.56 8.62 17.11
CA LEU B 278 0.54 9.56 16.93
C LEU B 278 0.21 10.97 17.47
N MET B 279 -1.07 11.32 17.57
CA MET B 279 -1.49 12.60 18.12
C MET B 279 -1.79 12.53 19.61
N GLN B 280 -1.69 11.36 20.22
CA GLN B 280 -2.06 11.18 21.62
C GLN B 280 -0.86 11.11 22.54
N HIS B 281 -1.14 11.16 23.85
CA HIS B 281 -0.16 11.00 24.94
C HIS B 281 1.01 11.97 24.89
N TRP B 282 0.81 13.15 24.32
CA TRP B 282 1.83 14.19 24.35
C TRP B 282 2.03 14.80 25.78
N THR B 283 3.19 15.42 25.94
CA THR B 283 3.67 15.91 27.20
C THR B 283 4.68 17.03 26.91
N PRO B 284 4.65 18.12 27.65
CA PRO B 284 5.62 19.20 27.44
C PRO B 284 7.11 18.78 27.39
N ARG B 285 7.50 17.76 28.14
CA ARG B 285 8.86 17.23 28.19
C ARG B 285 9.27 16.50 26.94
N GLN B 286 8.30 15.87 26.28
CA GLN B 286 8.55 15.18 25.04
C GLN B 286 8.87 16.23 23.98
N VAL B 287 8.10 17.32 23.94
CA VAL B 287 8.41 18.44 23.07
C VAL B 287 9.81 19.03 23.40
N GLU B 288 10.14 19.18 24.68
CA GLU B 288 11.45 19.68 25.14
C GLU B 288 12.57 18.72 24.68
N LEU B 289 12.33 17.41 24.78
CA LEU B 289 13.33 16.41 24.50
C LEU B 289 13.63 16.31 23.01
N LEU B 290 12.70 16.73 22.16
CA LEU B 290 12.87 16.68 20.72
C LEU B 290 13.89 17.66 20.19
N GLU B 291 14.24 18.67 20.99
CA GLU B 291 15.28 19.64 20.69
C GLU B 291 16.63 18.99 20.49
N LEU B 292 16.78 17.74 20.95
CA LEU B 292 17.99 16.95 20.81
C LEU B 292 18.15 16.32 19.42
N PHE B 293 17.10 16.36 18.62
CA PHE B 293 17.06 15.72 17.31
C PHE B 293 17.33 16.77 16.19
N THR B 294 17.55 16.31 14.97
CA THR B 294 17.77 17.23 13.86
C THR B 294 16.51 17.99 13.55
N THR B 295 16.65 19.11 12.87
CA THR B 295 15.53 20.03 12.66
C THR B 295 14.29 19.43 11.97
N PRO B 296 14.46 18.74 10.85
CA PRO B 296 13.32 18.11 10.18
C PRO B 296 12.56 17.10 11.07
N VAL B 297 13.27 16.36 11.91
CA VAL B 297 12.64 15.41 12.82
C VAL B 297 11.95 16.09 14.01
N ARG B 298 12.61 17.09 14.57
CA ARG B 298 12.05 17.89 15.63
C ARG B 298 10.76 18.55 15.13
N GLU B 299 10.83 19.16 13.95
CA GLU B 299 9.70 19.91 13.39
C GLU B 299 8.58 18.98 12.94
N GLY B 300 8.95 17.96 12.17
CA GLY B 300 8.05 16.87 11.80
C GLY B 300 7.19 16.29 12.91
N LEU B 301 7.79 15.92 14.04
CA LEU B 301 7.07 15.20 15.07
C LEU B 301 6.25 16.15 15.93
N ARG B 302 6.72 17.38 16.07
CA ARG B 302 5.96 18.37 16.80
C ARG B 302 4.67 18.63 16.03
N THR B 303 4.70 18.49 14.72
CA THR B 303 3.47 18.67 13.94
C THR B 303 2.41 17.67 14.40
N CYS B 304 2.84 16.45 14.74
CA CYS B 304 1.94 15.40 15.19
C CYS B 304 1.07 15.73 16.39
N GLN B 305 1.33 16.84 17.08
CA GLN B 305 0.42 17.37 18.11
C GLN B 305 -0.90 17.83 17.55
N ARG B 306 -0.91 18.26 16.28
CA ARG B 306 -2.09 18.80 15.60
C ARG B 306 -2.62 17.94 14.45
N ARG B 307 -1.71 17.32 13.71
CA ARG B 307 -2.07 16.45 12.63
C ARG B 307 -0.97 15.41 12.36
N PRO B 308 -1.33 14.25 11.81
CA PRO B 308 -0.33 13.22 11.55
C PRO B 308 0.70 13.66 10.53
N ALA B 309 1.98 13.49 10.85
CA ALA B 309 3.06 13.79 9.91
C ALA B 309 4.06 12.68 9.94
N PHE B 310 4.58 12.34 8.76
CA PHE B 310 5.53 11.25 8.58
C PHE B 310 6.38 11.24 7.27
N ASN B 311 5.99 11.99 6.24
CA ASN B 311 6.85 12.12 5.02
C ASN B 311 8.26 12.57 5.37
N PHE B 312 8.46 13.25 6.50
CA PHE B 312 9.79 13.75 6.89
C PHE B 312 10.77 12.64 7.22
N MET B 313 10.23 11.54 7.74
CA MET B 313 11.03 10.51 8.40
C MET B 313 11.52 9.47 7.39
N ASP B 314 12.30 9.93 6.42
CA ASP B 314 12.82 9.10 5.35
C ASP B 314 13.94 8.22 5.92
N GLU B 315 14.59 7.45 5.09
CA GLU B 315 15.65 6.53 5.49
C GLU B 315 16.82 7.22 6.22
N MET B 316 17.24 8.37 5.70
CA MET B 316 18.33 9.12 6.31
C MET B 316 17.89 9.75 7.63
N ALA B 317 16.66 10.25 7.66
CA ALA B 317 16.15 10.93 8.86
C ALA B 317 16.12 9.92 9.99
N TRP B 318 15.73 8.69 9.67
CA TRP B 318 15.67 7.61 10.63
C TRP B 318 17.05 7.23 11.18
N ALA B 319 18.06 7.22 10.33
CA ALA B 319 19.39 6.87 10.81
C ALA B 319 19.86 7.95 11.78
N ALA B 320 19.69 9.21 11.40
CA ALA B 320 20.12 10.33 12.21
C ALA B 320 19.39 10.29 13.56
N THR B 321 18.11 9.90 13.52
CA THR B 321 17.26 9.75 14.68
C THR B 321 17.70 8.58 15.55
N TYR B 322 18.12 7.49 14.92
CA TYR B 322 18.61 6.28 15.60
C TYR B 322 19.87 6.58 16.44
N HIS B 323 20.79 7.36 15.89
CA HIS B 323 22.03 7.75 16.58
C HIS B 323 21.72 8.61 17.81
N VAL B 324 20.79 9.56 17.66
CA VAL B 324 20.40 10.40 18.78
C VAL B 324 19.75 9.55 19.92
N LEU B 325 18.91 8.59 19.52
CA LEU B 325 18.25 7.68 20.47
C LEU B 325 19.27 6.83 21.22
N LEU B 326 20.27 6.34 20.52
CA LEU B 326 21.32 5.56 21.12
C LEU B 326 22.04 6.31 22.24
N GLU B 327 22.22 7.61 22.02
CA GLU B 327 22.96 8.44 22.97
C GLU B 327 22.11 8.91 24.15
N HIS B 328 20.83 9.17 23.92
CA HIS B 328 20.00 9.91 24.89
C HIS B 328 18.81 9.14 25.44
N PHE B 329 18.38 8.09 24.77
CA PHE B 329 17.21 7.29 25.21
C PHE B 329 17.49 6.73 26.58
N GLN B 330 16.54 6.91 27.49
CA GLN B 330 16.63 6.37 28.84
C GLN B 330 15.55 5.29 28.96
N PRO B 331 15.94 4.01 28.97
CA PRO B 331 14.98 2.92 29.25
C PRO B 331 14.15 3.17 30.52
N GLY B 332 12.84 2.99 30.42
CA GLY B 332 11.95 3.03 31.56
C GLY B 332 11.36 4.41 31.78
N ASP B 333 11.90 5.40 31.07
CA ASP B 333 11.45 6.77 31.19
C ASP B 333 10.23 6.92 30.29
N PRO B 334 9.07 7.23 30.86
CA PRO B 334 7.81 7.27 30.09
C PRO B 334 7.82 8.23 28.94
N ASP B 335 8.49 9.36 29.07
CA ASP B 335 8.57 10.34 27.98
C ASP B 335 9.53 9.84 26.88
N TRP B 336 10.66 9.26 27.23
CA TRP B 336 11.58 8.78 26.25
C TRP B 336 10.99 7.55 25.53
N GLU B 337 10.23 6.74 26.26
CA GLU B 337 9.65 5.55 25.68
C GLU B 337 8.57 5.94 24.70
N GLU B 338 7.76 6.90 25.08
CA GLU B 338 6.69 7.40 24.24
C GLU B 338 7.19 8.13 22.98
N LEU B 339 8.29 8.89 23.09
CA LEU B 339 8.92 9.52 21.91
C LEU B 339 9.51 8.49 20.94
N LEU B 340 10.17 7.47 21.44
CA LEU B 340 10.64 6.39 20.59
C LEU B 340 9.47 5.77 19.86
N PHE B 341 8.36 5.54 20.56
CA PHE B 341 7.19 4.95 19.92
C PHE B 341 6.60 5.83 18.78
N LYS B 342 6.49 7.14 18.98
CA LYS B 342 6.01 8.04 17.94
C LYS B 342 7.01 8.16 16.79
N LEU B 343 8.30 8.28 17.09
CA LEU B 343 9.32 8.39 16.05
C LEU B 343 9.29 7.16 15.14
N TRP B 344 9.40 5.99 15.75
CA TRP B 344 9.32 4.70 15.05
C TRP B 344 8.00 4.62 14.25
N THR B 345 6.91 5.07 14.85
CA THR B 345 5.64 5.08 14.15
C THR B 345 5.73 5.88 12.85
N THR B 346 6.36 7.05 12.90
CA THR B 346 6.43 7.90 11.71
C THR B 346 7.27 7.25 10.66
N ARG B 347 8.23 6.45 11.09
CA ARG B 347 9.05 5.70 10.15
C ARG B 347 8.27 4.59 9.50
N VAL B 348 7.44 3.90 10.27
CA VAL B 348 6.64 2.82 9.74
C VAL B 348 5.63 3.33 8.69
N LEU B 349 5.06 4.48 8.97
CA LEU B 349 4.06 5.09 8.15
C LEU B 349 4.71 5.58 6.87
N ASN B 350 5.92 6.15 7.00
CA ASN B 350 6.66 6.66 5.87
C ASN B 350 7.00 5.55 4.90
N TYR B 351 7.54 4.46 5.45
CA TYR B 351 7.90 3.29 4.65
C TYR B 351 6.65 2.63 4.04
N THR B 352 5.58 2.53 4.82
CA THR B 352 4.33 1.96 4.30
C THR B 352 3.79 2.64 3.01
N MET B 353 3.86 3.97 2.93
CA MET B 353 3.23 4.74 1.86
C MET B 353 4.18 5.07 0.72
N THR B 354 5.47 5.12 1.03
CA THR B 354 6.52 5.27 0.02
C THR B 354 7.15 3.96 -0.50
N VAL B 355 7.03 2.87 0.28
CA VAL B 355 7.64 1.59 -0.10
C VAL B 355 6.63 0.44 -0.21
N ALA B 356 5.94 0.10 0.87
CA ALA B 356 5.07 -1.08 0.86
C ALA B 356 4.00 -0.99 -0.19
N LEU B 357 3.47 0.22 -0.32
CA LEU B 357 2.37 0.54 -1.16
C LEU B 357 2.78 0.32 -2.59
N ARG B 358 4.06 0.42 -2.91
CA ARG B 358 4.56 -0.07 -4.21
C ARG B 358 4.63 -1.59 -4.48
N GLY B 359 4.12 -2.45 -3.62
CA GLY B 359 4.10 -3.90 -3.90
C GLY B 359 5.22 -4.76 -3.24
N TYR B 360 4.75 -5.97 -2.77
CA TYR B 360 5.55 -6.81 -1.87
C TYR B 360 6.94 -7.05 -2.37
N ASP B 361 7.09 -7.20 -3.68
CA ASP B 361 8.39 -7.36 -4.29
C ASP B 361 9.24 -6.11 -4.05
N TYR B 362 8.72 -4.95 -4.45
CA TYR B 362 9.45 -3.70 -4.22
C TYR B 362 9.81 -3.51 -2.74
N ALA B 363 8.99 -4.06 -1.85
CA ALA B 363 9.26 -3.90 -0.43
C ALA B 363 10.47 -4.77 -0.03
N GLN B 364 10.55 -6.01 -0.51
CA GLN B 364 11.68 -6.89 -0.21
C GLN B 364 13.02 -6.32 -0.71
N GLN B 365 13.08 -5.98 -1.99
CA GLN B 365 14.29 -5.39 -2.58
C GLN B 365 14.69 -4.16 -1.83
N TYR B 366 13.71 -3.33 -1.44
CA TYR B 366 14.03 -2.12 -0.72
C TYR B 366 14.87 -2.55 0.51
N LEU B 367 14.29 -3.43 1.33
CA LEU B 367 14.63 -3.59 2.75
C LEU B 367 16.02 -4.21 2.85
N TYR B 368 16.30 -5.17 1.96
CA TYR B 368 17.67 -5.69 1.78
C TYR B 368 18.63 -4.54 1.41
N ARG B 369 18.20 -3.66 0.53
CA ARG B 369 19.08 -2.60 0.09
C ARG B 369 19.26 -1.45 1.07
N MET B 370 18.29 -1.30 1.98
CA MET B 370 18.30 -0.29 3.04
C MET B 370 19.40 -0.59 4.05
N LEU B 371 19.47 -1.86 4.48
CA LEU B 371 20.55 -2.40 5.27
C LEU B 371 21.90 -2.23 4.60
N GLY B 372 21.97 -2.40 3.27
CA GLY B 372 23.21 -2.22 2.56
C GLY B 372 23.74 -0.79 2.63
N ARG B 373 22.89 0.22 2.52
CA ARG B 373 23.36 1.58 2.52
C ARG B 373 23.80 1.95 3.95
N TYR B 374 23.01 1.52 4.93
CA TYR B 374 23.32 1.69 6.36
C TYR B 374 24.69 1.06 6.70
N ARG B 375 24.89 -0.17 6.28
CA ARG B 375 26.18 -0.80 6.37
C ARG B 375 27.28 0.09 5.82
N TYR B 376 27.08 0.62 4.63
CA TYR B 376 28.10 1.43 3.96
C TYR B 376 28.32 2.75 4.69
N GLN B 377 27.25 3.38 5.14
CA GLN B 377 27.32 4.70 5.76
C GLN B 377 28.13 4.59 7.09
N ALA B 378 28.00 3.46 7.79
CA ALA B 378 28.65 3.28 9.07
C ALA B 378 30.14 2.93 8.82
N ALA B 379 30.39 2.02 7.90
CA ALA B 379 31.77 1.67 7.63
C ALA B 379 32.63 2.94 7.32
N LEU B 380 32.05 3.89 6.59
CA LEU B 380 32.75 5.12 6.23
C LEU B 380 33.14 5.91 7.46
N GLU B 381 32.13 6.48 8.15
CA GLU B 381 32.41 7.21 9.35
C GLU B 381 33.18 6.36 10.37
N ASN B 382 32.99 5.12 10.53
#